data_4RZT
#
_entry.id   4RZT
#
_cell.length_a   163.590
_cell.length_b   74.080
_cell.length_c   149.160
_cell.angle_alpha   90.00
_cell.angle_beta   119.91
_cell.angle_gamma   90.00
#
_symmetry.space_group_name_H-M   'C 1 2 1'
#
loop_
_entity.id
_entity.type
_entity.pdbx_description
1 polymer 'Lac repressor'
2 branched 4-chloro-4-deoxy-alpha-D-galactopyranose-(1-2)-1,6-dichloro-1,6-dideoxy-beta-D-fructofuranose
3 water water
#
_entity_poly.entity_id   1
_entity_poly.type   'polypeptide(L)'
_entity_poly.pdbx_seq_one_letter_code
;MGSSHHHHHHSSGLVPRGSHMVKPVTLYDVAEYAGVSYQTVSRVVNQASHVSAKTREKVEAAMAELNYIPNRVAQQLAGK
QSLLIGVATSSLALHAPSQIVAAIKSRADQLGASVVVSMVERSGVEACKAAVHNLLAQRVSGLIINYPLDDQDAIAVEAA
CTNVPALFLTASDQTPLNSIIFSHEDGTRLGVEHLVALGHQQIALLAGPLSSVDARLRLAGWHKYLTRNQIQPIAEREGD
WSAMSGFQQTMQMLNEGIVPTAMLVANDQMALGAMRAITESGLRVGADISVVGYDDTEDSSCYIPPLTTIKQDFRLLGQT
SVDRLLQLSQGQAVKGNQLLPVSLVKRKTTLAPNTQTASPRALADSLMQLARQVSRLESGQ
;
_entity_poly.pdbx_strand_id   A,B,C,D
#
loop_
_chem_comp.id
_chem_comp.type
_chem_comp.name
_chem_comp.formula
RRJ D-saccharide, alpha linking 4-chloro-4-deoxy-alpha-D-galactopyranose 'C6 H11 Cl O5'
RRY D-saccharide, beta linking 1,6-dichloro-1,6-dideoxy-beta-D-fructofuranose 'C6 H10 Cl2 O4'
#
# COMPACT_ATOMS: atom_id res chain seq x y z
N GLN A 81 -30.48 -16.95 22.36
CA GLN A 81 -31.26 -15.86 21.69
C GLN A 81 -30.35 -14.78 21.07
N SER A 82 -30.96 -13.71 20.54
CA SER A 82 -30.25 -12.48 20.16
C SER A 82 -30.99 -11.25 20.70
N LEU A 83 -30.65 -10.07 20.16
CA LEU A 83 -31.22 -8.80 20.61
C LEU A 83 -30.95 -7.79 19.50
N LEU A 84 -31.93 -6.92 19.32
CA LEU A 84 -32.02 -6.07 18.15
C LEU A 84 -32.07 -4.61 18.57
N ILE A 85 -31.27 -3.75 17.95
CA ILE A 85 -31.28 -2.34 18.30
C ILE A 85 -31.67 -1.44 17.13
N GLY A 86 -32.55 -0.48 17.40
CA GLY A 86 -33.00 0.44 16.37
C GLY A 86 -32.19 1.72 16.40
N VAL A 87 -31.87 2.24 15.22
CA VAL A 87 -31.12 3.49 15.07
C VAL A 87 -31.91 4.43 14.17
N ALA A 88 -32.19 5.64 14.66
CA ALA A 88 -32.82 6.66 13.83
C ALA A 88 -31.76 7.66 13.41
N THR A 89 -31.70 8.01 12.12
CA THR A 89 -30.64 8.93 11.66
C THR A 89 -31.07 9.87 10.54
N SER A 90 -30.40 11.04 10.46
CA SER A 90 -30.73 12.05 9.45
C SER A 90 -30.64 11.40 8.11
N SER A 91 -31.65 11.60 7.28
CA SER A 91 -31.69 10.90 6.00
C SER A 91 -30.98 11.72 4.94
N LEU A 92 -29.80 12.20 5.28
CA LEU A 92 -29.22 13.32 4.61
C LEU A 92 -27.79 13.10 4.15
N ALA A 93 -27.32 11.87 4.15
CA ALA A 93 -26.05 11.54 3.47
C ALA A 93 -24.88 12.53 3.70
N LEU A 94 -24.71 12.95 4.94
CA LEU A 94 -23.48 13.63 5.35
C LEU A 94 -22.48 12.60 5.83
N HIS A 95 -21.22 13.02 5.93
CA HIS A 95 -20.15 12.08 6.25
C HIS A 95 -20.14 11.59 7.71
N ALA A 96 -20.21 12.50 8.67
CA ALA A 96 -20.14 12.06 10.05
C ALA A 96 -21.28 11.12 10.41
N PRO A 97 -22.53 11.53 10.18
CA PRO A 97 -23.57 10.57 10.44
C PRO A 97 -23.37 9.21 9.76
N SER A 98 -22.87 9.19 8.53
CA SER A 98 -22.55 7.92 7.88
C SER A 98 -21.55 7.15 8.74
N GLN A 99 -20.46 7.81 9.12
CA GLN A 99 -19.42 7.14 9.92
C GLN A 99 -19.93 6.64 11.26
N ILE A 100 -20.82 7.41 11.84
CA ILE A 100 -21.33 7.06 13.14
C ILE A 100 -22.12 5.78 13.04
N VAL A 101 -22.90 5.68 11.97
CA VAL A 101 -23.77 4.52 11.80
C VAL A 101 -22.89 3.30 11.48
N ALA A 102 -21.80 3.52 10.77
CA ALA A 102 -20.87 2.42 10.53
C ALA A 102 -20.32 1.93 11.85
N ALA A 103 -19.83 2.88 12.65
CA ALA A 103 -19.29 2.61 13.98
C ALA A 103 -20.24 1.82 14.88
N ILE A 104 -21.52 2.15 14.85
CA ILE A 104 -22.52 1.45 15.62
C ILE A 104 -22.67 0.00 15.17
N LYS A 105 -22.75 -0.19 13.87
CA LYS A 105 -22.87 -1.53 13.33
C LYS A 105 -21.66 -2.33 13.77
N SER A 106 -20.49 -1.79 13.48
CA SER A 106 -19.22 -2.44 13.79
C SER A 106 -19.18 -3.04 15.19
N ARG A 107 -19.66 -2.29 16.17
CA ARG A 107 -19.69 -2.77 17.55
C ARG A 107 -20.70 -3.87 17.69
N ALA A 108 -21.95 -3.59 17.34
CA ALA A 108 -23.02 -4.57 17.47
C ALA A 108 -22.64 -5.91 16.84
N ASP A 109 -21.90 -5.87 15.73
CA ASP A 109 -21.35 -7.08 15.14
C ASP A 109 -20.56 -7.86 16.18
N GLN A 110 -19.60 -7.18 16.81
CA GLN A 110 -18.77 -7.84 17.83
C GLN A 110 -19.58 -8.42 18.98
N LEU A 111 -20.71 -7.82 19.30
CA LEU A 111 -21.55 -8.33 20.39
C LEU A 111 -22.63 -9.29 19.91
N GLY A 112 -22.74 -9.48 18.60
CA GLY A 112 -23.77 -10.34 18.03
C GLY A 112 -25.17 -9.78 18.14
N ALA A 113 -25.28 -8.47 18.35
CA ALA A 113 -26.56 -7.80 18.31
C ALA A 113 -26.80 -7.34 16.87
N SER A 114 -28.03 -7.47 16.41
CA SER A 114 -28.38 -7.00 15.07
C SER A 114 -28.82 -5.56 15.15
N VAL A 115 -28.71 -4.88 14.02
CA VAL A 115 -29.13 -3.48 13.90
C VAL A 115 -30.03 -3.25 12.71
N VAL A 116 -31.02 -2.40 12.95
CA VAL A 116 -31.92 -1.91 11.92
C VAL A 116 -31.90 -0.38 11.96
N VAL A 117 -32.05 0.26 10.81
CA VAL A 117 -32.03 1.71 10.75
C VAL A 117 -33.26 2.28 10.10
N SER A 118 -33.85 3.30 10.71
CA SER A 118 -34.92 4.08 10.09
C SER A 118 -34.30 5.45 9.87
N MET A 119 -34.83 6.25 8.94
CA MET A 119 -34.20 7.53 8.66
C MET A 119 -35.18 8.67 8.74
N VAL A 120 -34.65 9.83 9.11
CA VAL A 120 -35.49 10.95 9.50
C VAL A 120 -35.47 12.07 8.49
N GLU A 121 -36.64 12.34 7.96
CA GLU A 121 -36.81 13.20 6.80
C GLU A 121 -36.64 14.68 7.12
N ARG A 122 -35.44 15.09 7.50
CA ARG A 122 -35.18 16.46 7.99
C ARG A 122 -36.37 16.86 8.88
N SER A 123 -36.97 18.03 8.67
CA SER A 123 -38.30 18.34 9.27
C SER A 123 -38.42 18.28 10.81
N GLY A 124 -37.32 18.31 11.55
CA GLY A 124 -37.39 18.39 13.03
C GLY A 124 -38.05 17.23 13.78
N VAL A 125 -38.95 17.56 14.72
CA VAL A 125 -39.37 16.62 15.77
C VAL A 125 -40.47 15.61 15.42
N GLU A 126 -41.44 16.05 14.62
CA GLU A 126 -42.51 15.14 14.18
C GLU A 126 -41.96 14.02 13.32
N ALA A 127 -40.98 14.40 12.48
CA ALA A 127 -40.27 13.47 11.62
C ALA A 127 -39.68 12.37 12.44
N CYS A 128 -39.00 12.75 13.50
CA CYS A 128 -38.33 11.81 14.35
C CYS A 128 -39.33 10.93 15.08
N LYS A 129 -40.38 11.54 15.60
CA LYS A 129 -41.41 10.80 16.29
C LYS A 129 -41.92 9.62 15.45
N ALA A 130 -41.96 9.83 14.13
CA ALA A 130 -42.43 8.82 13.18
C ALA A 130 -41.43 7.71 13.01
N ALA A 131 -40.17 8.12 12.78
CA ALA A 131 -39.05 7.21 12.67
C ALA A 131 -39.05 6.22 13.82
N VAL A 132 -39.23 6.75 15.01
CA VAL A 132 -39.29 5.93 16.20
C VAL A 132 -40.37 4.86 16.07
N HIS A 133 -41.58 5.29 15.71
CA HIS A 133 -42.71 4.38 15.65
C HIS A 133 -42.49 3.16 14.73
N ASN A 134 -41.72 3.34 13.66
CA ASN A 134 -41.32 2.20 12.82
C ASN A 134 -40.43 1.25 13.58
N LEU A 135 -39.35 1.80 14.13
CA LEU A 135 -38.40 1.01 14.89
C LEU A 135 -39.10 0.23 16.00
N LEU A 136 -40.03 0.86 16.70
CA LEU A 136 -40.82 0.16 17.68
C LEU A 136 -41.61 -0.98 17.03
N ALA A 137 -42.32 -0.68 15.95
CA ALA A 137 -43.08 -1.71 15.23
C ALA A 137 -42.19 -2.90 14.88
N GLN A 138 -40.93 -2.61 14.56
CA GLN A 138 -39.90 -3.61 14.29
C GLN A 138 -39.57 -4.59 15.46
N ARG A 139 -40.18 -4.39 16.63
CA ARG A 139 -39.98 -5.28 17.81
C ARG A 139 -38.53 -5.22 18.31
N VAL A 140 -37.92 -4.04 18.24
CA VAL A 140 -36.55 -3.82 18.71
C VAL A 140 -36.44 -4.01 20.22
N SER A 141 -35.22 -4.03 20.72
CA SER A 141 -34.97 -4.08 22.16
C SER A 141 -34.34 -2.79 22.74
N GLY A 142 -34.16 -1.77 21.90
CA GLY A 142 -33.55 -0.52 22.35
C GLY A 142 -33.32 0.48 21.21
N LEU A 143 -33.22 1.76 21.55
CA LEU A 143 -33.10 2.79 20.53
C LEU A 143 -31.85 3.67 20.69
N ILE A 144 -31.28 4.07 19.55
CA ILE A 144 -30.19 5.05 19.55
C ILE A 144 -30.58 6.15 18.59
N ILE A 145 -30.81 7.34 19.12
CA ILE A 145 -31.33 8.44 18.35
C ILE A 145 -30.17 9.25 17.80
N ASN A 146 -29.81 9.03 16.55
CA ASN A 146 -28.73 9.77 15.92
C ASN A 146 -29.25 10.87 15.00
N TYR A 147 -29.88 11.86 15.62
CA TYR A 147 -30.50 12.96 14.89
C TYR A 147 -30.38 14.12 15.87
N PRO A 148 -30.13 15.33 15.39
CA PRO A 148 -29.93 16.44 16.29
C PRO A 148 -31.24 17.11 16.71
N LEU A 149 -31.53 17.10 18.00
CA LEU A 149 -32.80 17.60 18.54
C LEU A 149 -32.64 18.69 19.64
N ASP A 150 -33.56 19.66 19.66
CA ASP A 150 -33.65 20.67 20.72
C ASP A 150 -33.95 19.94 22.00
N ASP A 151 -33.61 20.54 23.14
CA ASP A 151 -33.93 19.93 24.46
C ASP A 151 -35.41 19.60 24.59
N GLN A 152 -36.22 20.54 24.16
CA GLN A 152 -37.66 20.37 24.17
C GLN A 152 -38.09 19.23 23.25
N ASP A 153 -37.54 19.19 22.03
CA ASP A 153 -37.88 18.14 21.05
C ASP A 153 -37.47 16.74 21.52
N ALA A 154 -36.30 16.62 22.14
CA ALA A 154 -35.79 15.33 22.65
C ALA A 154 -36.76 14.69 23.64
N ILE A 155 -37.21 15.50 24.59
CA ILE A 155 -38.15 15.02 25.63
C ILE A 155 -39.43 14.45 25.04
N ALA A 156 -39.88 15.09 23.96
CA ALA A 156 -41.05 14.66 23.23
C ALA A 156 -40.78 13.30 22.65
N VAL A 157 -39.62 13.18 22.02
CA VAL A 157 -39.24 11.94 21.36
C VAL A 157 -39.04 10.84 22.39
N GLU A 158 -38.44 11.17 23.51
CA GLU A 158 -38.33 10.24 24.58
C GLU A 158 -39.73 9.70 24.97
N ALA A 159 -40.72 10.59 25.05
CA ALA A 159 -42.11 10.20 25.36
C ALA A 159 -42.60 9.04 24.48
N ALA A 160 -42.28 9.08 23.19
CA ALA A 160 -42.72 8.06 22.22
C ALA A 160 -42.20 6.66 22.53
N CYS A 161 -40.99 6.58 23.07
CA CYS A 161 -40.36 5.30 23.38
C CYS A 161 -41.06 4.64 24.55
N THR A 162 -42.22 4.09 24.25
CA THR A 162 -43.09 3.49 25.24
C THR A 162 -42.43 2.22 25.79
N ASN A 163 -41.84 2.36 26.97
CA ASN A 163 -41.17 1.25 27.67
C ASN A 163 -39.83 0.79 27.06
N VAL A 164 -39.27 1.55 26.14
CA VAL A 164 -38.08 1.08 25.43
C VAL A 164 -36.87 1.95 25.73
N PRO A 165 -35.81 1.33 26.25
CA PRO A 165 -34.57 2.05 26.52
C PRO A 165 -34.10 2.87 25.33
N ALA A 166 -33.91 4.17 25.53
CA ALA A 166 -33.56 5.07 24.42
C ALA A 166 -32.36 5.94 24.77
N LEU A 167 -31.36 5.93 23.90
CA LEU A 167 -30.13 6.64 24.16
C LEU A 167 -29.85 7.68 23.07
N PHE A 168 -29.86 8.96 23.43
CA PHE A 168 -29.74 10.06 22.47
C PHE A 168 -28.29 10.49 22.22
N LEU A 169 -27.94 10.74 20.96
CA LEU A 169 -26.63 11.29 20.62
C LEU A 169 -26.74 12.78 20.30
N THR A 170 -27.73 13.42 20.92
CA THR A 170 -27.74 14.87 21.09
C THR A 170 -27.92 15.14 22.56
N ALA A 171 -27.57 16.36 22.94
CA ALA A 171 -27.94 16.90 24.23
C ALA A 171 -27.61 18.39 24.16
N SER A 172 -27.95 19.11 25.23
CA SER A 172 -27.64 20.54 25.30
C SER A 172 -27.64 20.93 26.78
N ASP A 173 -27.76 22.22 27.07
CA ASP A 173 -27.77 22.73 28.43
C ASP A 173 -28.32 21.81 29.53
N GLN A 174 -29.63 21.58 29.57
CA GLN A 174 -30.26 21.00 30.77
C GLN A 174 -30.76 19.55 30.62
N THR A 175 -30.22 18.78 29.67
CA THR A 175 -30.85 17.52 29.30
C THR A 175 -31.00 16.51 30.47
N PRO A 176 -32.25 16.20 30.88
CA PRO A 176 -32.48 15.14 31.89
C PRO A 176 -32.70 13.74 31.26
N LEU A 177 -32.17 13.53 30.05
CA LEU A 177 -32.31 12.30 29.25
C LEU A 177 -30.95 11.57 29.12
N ASN A 178 -31.00 10.29 28.76
CA ASN A 178 -29.80 9.50 28.51
C ASN A 178 -29.14 9.94 27.23
N SER A 179 -27.89 10.40 27.33
CA SER A 179 -27.17 10.88 26.16
C SER A 179 -25.69 10.53 26.19
N ILE A 180 -25.10 10.56 25.01
CA ILE A 180 -23.66 10.60 24.87
C ILE A 180 -23.39 11.59 23.76
N ILE A 181 -22.64 12.63 24.06
CA ILE A 181 -22.16 13.52 23.01
C ILE A 181 -20.73 13.87 23.32
N PHE A 182 -20.06 14.42 22.33
CA PHE A 182 -18.69 14.88 22.52
C PHE A 182 -18.72 16.19 23.26
N SER A 183 -17.66 16.49 23.98
CA SER A 183 -17.50 17.80 24.55
C SER A 183 -17.39 18.77 23.40
N HIS A 184 -18.35 19.67 23.34
CA HIS A 184 -18.30 20.78 22.39
C HIS A 184 -17.46 21.88 23.04
N GLU A 185 -17.57 21.98 24.37
CA GLU A 185 -16.76 22.91 25.14
C GLU A 185 -15.26 22.76 24.86
N ASP A 186 -14.80 21.53 24.66
CA ASP A 186 -13.40 21.25 24.35
C ASP A 186 -13.06 21.58 22.90
N GLY A 187 -13.79 20.98 21.96
CA GLY A 187 -13.58 21.20 20.55
C GLY A 187 -13.51 22.66 20.14
N THR A 188 -14.30 23.52 20.78
CA THR A 188 -14.25 24.94 20.49
C THR A 188 -13.05 25.58 21.15
N ARG A 189 -12.81 25.26 22.42
CA ARG A 189 -11.61 25.77 23.10
C ARG A 189 -10.37 25.42 22.28
N LEU A 190 -10.17 24.13 22.04
CA LEU A 190 -9.00 23.64 21.33
C LEU A 190 -8.73 24.43 20.07
N GLY A 191 -9.75 24.53 19.22
CA GLY A 191 -9.64 25.28 17.99
C GLY A 191 -9.17 26.69 18.28
N VAL A 192 -9.90 27.39 19.13
CA VAL A 192 -9.60 28.79 19.40
C VAL A 192 -8.18 28.92 19.99
N GLU A 193 -7.89 28.10 20.99
CA GLU A 193 -6.56 28.10 21.58
C GLU A 193 -5.47 27.78 20.57
N HIS A 194 -5.70 26.82 19.68
CA HIS A 194 -4.71 26.56 18.64
C HIS A 194 -4.41 27.80 17.80
N LEU A 195 -5.45 28.48 17.34
CA LEU A 195 -5.29 29.63 16.44
C LEU A 195 -4.69 30.80 17.19
N VAL A 196 -5.20 31.04 18.38
CA VAL A 196 -4.75 32.18 19.15
C VAL A 196 -3.27 32.03 19.42
N ALA A 197 -2.83 30.79 19.71
CA ALA A 197 -1.42 30.46 20.00
C ALA A 197 -0.54 30.74 18.80
N LEU A 198 -1.02 30.41 17.61
CA LEU A 198 -0.31 30.78 16.39
C LEU A 198 -0.28 32.30 16.14
N GLY A 199 -1.15 33.04 16.79
CA GLY A 199 -1.06 34.50 16.78
C GLY A 199 -2.10 35.18 15.90
N HIS A 200 -3.15 34.46 15.54
CA HIS A 200 -4.21 35.03 14.71
C HIS A 200 -5.10 35.89 15.57
N GLN A 201 -5.44 37.07 15.05
CA GLN A 201 -6.36 38.00 15.73
C GLN A 201 -7.62 38.24 14.86
N GLN A 202 -7.44 38.44 13.55
CA GLN A 202 -8.55 38.56 12.59
C GLN A 202 -9.10 37.18 12.26
N ILE A 203 -10.05 36.70 13.07
CA ILE A 203 -10.62 35.36 12.89
C ILE A 203 -12.09 35.41 12.49
N ALA A 204 -12.52 34.41 11.72
CA ALA A 204 -13.89 34.32 11.24
C ALA A 204 -14.50 32.97 11.49
N LEU A 205 -15.83 32.96 11.64
CA LEU A 205 -16.56 31.73 11.99
C LEU A 205 -17.52 31.27 10.89
N LEU A 206 -17.62 29.95 10.75
CA LEU A 206 -18.42 29.37 9.73
C LEU A 206 -19.17 28.24 10.37
N ALA A 207 -20.41 28.55 10.77
CA ALA A 207 -21.24 27.65 11.56
C ALA A 207 -22.01 26.74 10.66
N GLY A 208 -22.49 25.68 11.27
CA GLY A 208 -23.46 24.83 10.63
C GLY A 208 -24.77 25.57 10.65
N PRO A 209 -25.78 24.96 10.09
CA PRO A 209 -27.09 25.58 10.10
C PRO A 209 -27.61 25.74 11.52
N LEU A 210 -27.87 26.97 11.90
CA LEU A 210 -28.20 27.29 13.31
C LEU A 210 -29.55 26.78 13.80
N SER A 211 -30.42 26.40 12.86
CA SER A 211 -31.59 25.61 13.20
C SER A 211 -31.16 24.33 13.88
N SER A 212 -30.02 23.76 13.48
CA SER A 212 -29.47 22.61 14.18
C SER A 212 -28.76 23.08 15.46
N VAL A 213 -28.99 22.35 16.55
CA VAL A 213 -28.41 22.64 17.88
C VAL A 213 -26.92 22.28 17.98
N ASP A 214 -26.49 21.29 17.20
CA ASP A 214 -25.06 21.06 16.97
C ASP A 214 -24.42 22.41 16.79
N ALA A 215 -24.84 23.06 15.70
CA ALA A 215 -24.16 24.20 15.12
C ALA A 215 -24.22 25.32 16.12
N ARG A 216 -25.36 25.44 16.78
CA ARG A 216 -25.55 26.47 17.75
C ARG A 216 -24.53 26.39 18.85
N LEU A 217 -24.36 25.21 19.42
CA LEU A 217 -23.43 25.06 20.54
C LEU A 217 -21.99 25.39 20.11
N ARG A 218 -21.59 24.78 19.02
CA ARG A 218 -20.25 25.00 18.55
C ARG A 218 -20.00 26.48 18.31
N LEU A 219 -20.96 27.18 17.72
CA LEU A 219 -20.82 28.60 17.53
C LEU A 219 -20.67 29.34 18.85
N ALA A 220 -21.48 28.97 19.84
CA ALA A 220 -21.42 29.61 21.17
C ALA A 220 -20.06 29.41 21.78
N GLY A 221 -19.60 28.16 21.75
CA GLY A 221 -18.26 27.80 22.21
C GLY A 221 -17.21 28.73 21.65
N TRP A 222 -17.10 28.78 20.34
CA TRP A 222 -16.16 29.67 19.71
C TRP A 222 -16.29 31.05 20.30
N HIS A 223 -17.48 31.62 20.21
CA HIS A 223 -17.69 32.97 20.74
C HIS A 223 -17.10 33.12 22.14
N LYS A 224 -17.41 32.13 22.98
CA LYS A 224 -16.98 32.14 24.37
C LYS A 224 -15.48 32.23 24.45
N TYR A 225 -14.79 31.27 23.83
CA TYR A 225 -13.33 31.20 24.00
C TYR A 225 -12.58 32.31 23.30
N LEU A 226 -13.13 32.82 22.20
CA LEU A 226 -12.60 34.05 21.60
C LEU A 226 -12.76 35.23 22.53
N THR A 227 -14.00 35.44 22.98
CA THR A 227 -14.29 36.48 23.97
C THR A 227 -13.36 36.33 25.19
N ARG A 228 -13.13 35.11 25.61
CA ARG A 228 -12.22 34.81 26.70
C ARG A 228 -10.75 35.08 26.38
N ASN A 229 -10.43 35.30 25.10
CA ASN A 229 -9.07 35.67 24.69
C ASN A 229 -9.07 37.09 24.12
N GLN A 230 -9.95 37.94 24.64
CA GLN A 230 -10.09 39.32 24.19
C GLN A 230 -10.20 39.52 22.69
N ILE A 231 -10.71 38.53 21.96
CA ILE A 231 -10.96 38.67 20.51
C ILE A 231 -12.43 38.49 20.24
N GLN A 232 -12.99 39.40 19.46
CA GLN A 232 -14.33 39.21 18.95
C GLN A 232 -14.15 38.90 17.46
N PRO A 233 -14.80 37.84 16.95
CA PRO A 233 -14.56 37.40 15.58
C PRO A 233 -14.88 38.49 14.57
N ILE A 234 -14.12 38.56 13.49
CA ILE A 234 -14.32 39.63 12.51
C ILE A 234 -15.52 39.39 11.61
N ALA A 235 -16.01 38.17 11.57
CA ALA A 235 -17.17 37.84 10.74
C ALA A 235 -17.63 36.43 11.03
N GLU A 236 -18.94 36.25 11.11
CA GLU A 236 -19.47 34.92 11.25
C GLU A 236 -20.52 34.67 10.18
N ARG A 237 -20.69 33.39 9.86
CA ARG A 237 -21.51 32.98 8.76
C ARG A 237 -21.97 31.57 8.95
N GLU A 238 -23.05 31.23 8.31
CA GLU A 238 -23.74 30.00 8.56
C GLU A 238 -23.80 29.23 7.25
N GLY A 239 -23.45 27.96 7.31
CA GLY A 239 -23.66 27.06 6.18
C GLY A 239 -24.76 26.04 6.49
N ASP A 240 -24.73 24.92 5.78
CA ASP A 240 -25.68 23.87 6.00
C ASP A 240 -25.01 22.49 6.08
N TRP A 241 -23.71 22.47 6.37
CA TRP A 241 -22.90 21.23 6.48
C TRP A 241 -22.30 20.81 5.13
N SER A 242 -22.85 21.32 4.03
CA SER A 242 -22.40 20.89 2.73
C SER A 242 -21.08 21.54 2.39
N ALA A 243 -20.31 20.88 1.54
CA ALA A 243 -19.08 21.43 1.08
C ALA A 243 -19.38 22.71 0.31
N MET A 244 -20.39 22.63 -0.54
CA MET A 244 -20.71 23.74 -1.43
C MET A 244 -21.15 24.98 -0.66
N SER A 245 -21.83 24.79 0.47
CA SER A 245 -22.26 25.94 1.28
C SER A 245 -21.05 26.56 1.92
N GLY A 246 -20.05 25.74 2.20
CA GLY A 246 -18.80 26.23 2.69
C GLY A 246 -18.19 27.21 1.71
N PHE A 247 -18.12 26.78 0.45
CA PHE A 247 -17.59 27.62 -0.62
C PHE A 247 -18.36 28.95 -0.80
N GLN A 248 -19.68 28.87 -0.85
CA GLN A 248 -20.49 30.04 -1.12
C GLN A 248 -20.37 31.09 -0.05
N GLN A 249 -20.33 30.67 1.21
CA GLN A 249 -20.22 31.64 2.29
C GLN A 249 -18.85 32.23 2.28
N THR A 250 -17.84 31.39 2.13
CA THR A 250 -16.50 31.91 2.16
C THR A 250 -16.26 32.86 0.99
N MET A 251 -16.81 32.59 -0.20
CA MET A 251 -16.67 33.55 -1.31
C MET A 251 -17.40 34.85 -1.00
N GLN A 252 -18.66 34.73 -0.56
CA GLN A 252 -19.47 35.91 -0.24
C GLN A 252 -18.75 36.81 0.69
N MET A 253 -18.11 36.22 1.69
CA MET A 253 -17.33 36.95 2.71
C MET A 253 -16.10 37.64 2.13
N LEU A 254 -15.33 36.89 1.35
CA LEU A 254 -14.13 37.44 0.74
C LEU A 254 -14.47 38.53 -0.26
N ASN A 255 -15.53 38.32 -1.03
CA ASN A 255 -15.95 39.32 -2.01
C ASN A 255 -16.56 40.58 -1.39
N GLU A 256 -16.97 40.48 -0.13
CA GLU A 256 -17.31 41.67 0.66
C GLU A 256 -16.06 42.41 1.15
N GLY A 257 -14.89 41.80 0.98
CA GLY A 257 -13.63 42.44 1.37
C GLY A 257 -13.31 42.23 2.84
N ILE A 258 -14.04 41.33 3.48
CA ILE A 258 -13.65 40.83 4.78
C ILE A 258 -12.70 39.68 4.53
N VAL A 259 -11.49 39.81 5.06
CA VAL A 259 -10.47 38.82 4.84
C VAL A 259 -9.77 38.49 6.14
N PRO A 260 -10.22 37.41 6.78
CA PRO A 260 -9.56 36.95 7.97
C PRO A 260 -8.20 36.33 7.68
N THR A 261 -7.47 36.02 8.74
CA THR A 261 -6.24 35.27 8.66
C THR A 261 -6.52 33.86 9.09
N ALA A 262 -7.69 33.65 9.66
CA ALA A 262 -8.04 32.31 10.10
C ALA A 262 -9.54 32.11 10.11
N MET A 263 -9.94 30.87 9.89
CA MET A 263 -11.32 30.50 9.94
C MET A 263 -11.53 29.30 10.82
N LEU A 264 -12.48 29.40 11.73
CA LEU A 264 -13.00 28.24 12.41
C LEU A 264 -14.22 27.77 11.63
N VAL A 265 -14.21 26.51 11.19
CA VAL A 265 -15.33 25.93 10.43
C VAL A 265 -15.96 24.76 11.19
N ALA A 266 -17.27 24.67 11.09
CA ALA A 266 -18.10 23.82 11.94
C ALA A 266 -18.21 22.35 11.51
N ASN A 267 -17.71 22.00 10.35
CA ASN A 267 -17.52 20.61 10.00
C ASN A 267 -16.55 20.45 8.79
N ASP A 268 -16.01 19.27 8.58
CA ASP A 268 -14.96 19.11 7.59
C ASP A 268 -15.38 19.32 6.13
N GLN A 269 -16.66 19.12 5.80
CA GLN A 269 -17.10 19.33 4.42
C GLN A 269 -17.16 20.82 4.08
N MET A 270 -17.77 21.60 4.97
CA MET A 270 -17.81 23.02 4.79
C MET A 270 -16.38 23.54 4.67
N ALA A 271 -15.45 23.02 5.47
CA ALA A 271 -14.04 23.45 5.37
C ALA A 271 -13.50 23.28 3.96
N LEU A 272 -13.71 22.10 3.41
CA LEU A 272 -13.29 21.84 2.06
C LEU A 272 -13.75 22.94 1.13
N GLY A 273 -15.00 23.30 1.21
CA GLY A 273 -15.55 24.35 0.35
C GLY A 273 -14.91 25.68 0.60
N ALA A 274 -14.74 26.00 1.87
CA ALA A 274 -14.09 27.23 2.24
C ALA A 274 -12.68 27.23 1.66
N MET A 275 -12.03 26.07 1.70
CA MET A 275 -10.66 25.98 1.23
C MET A 275 -10.59 26.32 -0.23
N ARG A 276 -11.52 25.80 -1.02
CA ARG A 276 -11.55 26.14 -2.43
C ARG A 276 -11.77 27.63 -2.61
N ALA A 277 -12.71 28.18 -1.86
CA ALA A 277 -13.04 29.58 -2.00
C ALA A 277 -11.79 30.42 -1.81
N ILE A 278 -11.09 30.16 -0.71
CA ILE A 278 -9.80 30.81 -0.42
C ILE A 278 -8.86 30.73 -1.62
N THR A 279 -8.66 29.50 -2.06
CA THR A 279 -7.71 29.17 -3.09
C THR A 279 -8.05 29.91 -4.36
N GLU A 280 -9.29 29.81 -4.79
CA GLU A 280 -9.71 30.45 -6.04
C GLU A 280 -9.70 31.96 -5.91
N SER A 281 -9.82 32.45 -4.68
CA SER A 281 -9.62 33.86 -4.41
C SER A 281 -8.15 34.30 -4.44
N GLY A 282 -7.29 33.49 -5.04
CA GLY A 282 -5.88 33.84 -5.21
C GLY A 282 -5.10 33.79 -3.92
N LEU A 283 -5.64 33.14 -2.89
CA LEU A 283 -5.00 33.09 -1.58
C LEU A 283 -4.62 31.67 -1.25
N ARG A 284 -3.74 31.54 -0.27
CA ARG A 284 -3.22 30.23 0.09
C ARG A 284 -3.78 29.81 1.42
N VAL A 285 -4.24 28.58 1.48
CA VAL A 285 -4.71 28.01 2.73
C VAL A 285 -3.50 27.79 3.62
N GLY A 286 -3.70 28.02 4.92
CA GLY A 286 -2.62 28.05 5.90
C GLY A 286 -1.86 29.37 5.82
N ALA A 287 -0.94 29.44 4.85
CA ALA A 287 -0.06 30.61 4.67
C ALA A 287 -0.77 31.94 4.78
N ASP A 288 -1.88 32.09 4.07
CA ASP A 288 -2.64 33.35 4.08
C ASP A 288 -3.83 33.29 5.04
N ILE A 289 -4.72 32.33 4.80
CA ILE A 289 -5.88 32.11 5.66
C ILE A 289 -5.77 30.71 6.20
N SER A 290 -5.52 30.59 7.49
CA SER A 290 -5.52 29.28 8.13
C SER A 290 -6.98 28.84 8.26
N VAL A 291 -7.18 27.52 8.26
CA VAL A 291 -8.51 26.94 8.41
C VAL A 291 -8.52 25.76 9.37
N VAL A 292 -9.55 25.66 10.20
CA VAL A 292 -9.64 24.57 11.14
C VAL A 292 -11.00 23.94 11.08
N GLY A 293 -11.02 22.64 10.80
CA GLY A 293 -12.24 21.89 10.62
C GLY A 293 -12.92 21.50 11.91
N TYR A 294 -13.81 20.52 11.82
CA TYR A 294 -14.48 19.94 12.98
C TYR A 294 -15.09 18.58 12.57
N ASP A 295 -14.46 17.49 13.02
CA ASP A 295 -14.98 16.11 12.91
C ASP A 295 -13.83 15.12 12.67
N ASP A 296 -12.88 15.54 11.84
CA ASP A 296 -11.92 14.63 11.25
C ASP A 296 -12.63 13.41 10.76
N THR A 297 -13.39 13.66 9.70
CA THR A 297 -13.97 12.60 8.90
C THR A 297 -12.87 12.02 8.01
N GLU A 298 -13.14 10.87 7.43
CA GLU A 298 -12.15 10.12 6.66
C GLU A 298 -11.44 10.94 5.60
N ASP A 299 -12.19 11.57 4.70
CA ASP A 299 -11.60 12.25 3.56
C ASP A 299 -10.58 13.30 3.98
N SER A 300 -10.77 13.91 5.15
CA SER A 300 -10.05 15.13 5.54
C SER A 300 -8.53 15.03 5.54
N SER A 301 -8.00 13.93 6.05
CA SER A 301 -6.54 13.68 5.96
C SER A 301 -5.95 13.82 4.55
N CYS A 302 -6.81 13.75 3.52
CA CYS A 302 -6.39 13.92 2.14
C CYS A 302 -6.90 15.21 1.42
N TYR A 303 -7.47 16.17 2.14
CA TYR A 303 -7.82 17.45 1.52
C TYR A 303 -6.51 18.07 1.09
N ILE A 304 -6.58 19.00 0.15
CA ILE A 304 -5.35 19.57 -0.37
C ILE A 304 -5.37 21.03 0.07
N PRO A 305 -4.59 21.39 1.09
CA PRO A 305 -3.69 20.58 1.90
C PRO A 305 -4.40 19.87 3.04
N PRO A 306 -3.82 18.76 3.53
CA PRO A 306 -4.45 18.03 4.61
C PRO A 306 -4.96 18.91 5.74
N LEU A 307 -6.22 18.72 6.07
CA LEU A 307 -6.92 19.67 6.93
C LEU A 307 -6.61 19.47 8.38
N THR A 308 -6.32 20.57 9.05
CA THR A 308 -6.22 20.58 10.51
C THR A 308 -7.63 20.68 11.05
N THR A 309 -7.97 19.81 12.01
CA THR A 309 -9.35 19.74 12.47
C THR A 309 -9.50 19.08 13.81
N ILE A 310 -10.68 19.25 14.40
CA ILE A 310 -11.01 18.66 15.69
C ILE A 310 -11.47 17.23 15.48
N LYS A 311 -10.70 16.26 15.95
CA LYS A 311 -11.12 14.88 15.85
C LYS A 311 -12.20 14.57 16.87
N GLN A 312 -13.33 14.12 16.36
CA GLN A 312 -14.31 13.42 17.18
C GLN A 312 -14.23 11.96 16.75
N ASP A 313 -13.98 11.07 17.71
CA ASP A 313 -13.79 9.67 17.37
C ASP A 313 -15.13 8.95 17.28
N PHE A 314 -15.67 8.84 16.07
CA PHE A 314 -16.96 8.24 15.91
C PHE A 314 -16.91 6.74 16.15
N ARG A 315 -15.79 6.12 15.75
CA ARG A 315 -15.53 4.69 16.05
C ARG A 315 -15.89 4.49 17.53
N LEU A 316 -15.36 5.36 18.38
CA LEU A 316 -15.58 5.34 19.83
C LEU A 316 -17.04 5.53 20.20
N LEU A 317 -17.61 6.66 19.81
CA LEU A 317 -19.02 6.96 20.07
C LEU A 317 -19.94 5.77 19.74
N GLY A 318 -19.71 5.11 18.60
CA GLY A 318 -20.43 3.88 18.29
C GLY A 318 -20.31 2.84 19.42
N GLN A 319 -19.07 2.39 19.61
CA GLN A 319 -18.76 1.40 20.63
C GLN A 319 -19.37 1.74 21.98
N THR A 320 -19.11 2.97 22.44
CA THR A 320 -19.67 3.48 23.67
C THR A 320 -21.18 3.30 23.75
N SER A 321 -21.87 3.91 22.81
CA SER A 321 -23.33 4.03 22.90
C SER A 321 -24.02 2.66 22.88
N VAL A 322 -23.54 1.76 22.04
CA VAL A 322 -24.11 0.42 22.00
C VAL A 322 -24.00 -0.25 23.37
N ASP A 323 -22.78 -0.25 23.91
CA ASP A 323 -22.57 -0.85 25.22
C ASP A 323 -23.45 -0.17 26.23
N ARG A 324 -23.48 1.16 26.21
CA ARG A 324 -24.33 1.89 27.13
C ARG A 324 -25.79 1.46 26.97
N LEU A 325 -26.25 1.36 25.73
CA LEU A 325 -27.65 0.99 25.49
C LEU A 325 -27.97 -0.40 26.04
N LEU A 326 -27.01 -1.30 25.96
CA LEU A 326 -27.23 -2.68 26.40
C LEU A 326 -27.30 -2.74 27.92
N GLN A 327 -26.42 -1.99 28.58
CA GLN A 327 -26.56 -1.76 30.00
C GLN A 327 -27.96 -1.27 30.30
N LEU A 328 -28.38 -0.22 29.60
CA LEU A 328 -29.70 0.38 29.82
C LEU A 328 -30.85 -0.62 29.76
N SER A 329 -30.85 -1.51 28.76
CA SER A 329 -31.91 -2.52 28.61
C SER A 329 -31.86 -3.58 29.72
N GLN A 330 -30.74 -3.64 30.46
CA GLN A 330 -30.60 -4.48 31.67
C GLN A 330 -30.96 -3.72 32.96
N GLY A 331 -31.49 -2.50 32.84
CA GLY A 331 -31.97 -1.74 33.98
C GLY A 331 -30.89 -1.33 34.97
N GLN A 332 -29.74 -0.92 34.46
CA GLN A 332 -28.60 -0.58 35.29
C GLN A 332 -27.58 0.22 34.51
N ALA A 333 -27.72 1.53 34.53
CA ALA A 333 -26.82 2.39 33.76
C ALA A 333 -26.64 3.73 34.40
N VAL A 334 -25.69 4.49 33.86
CA VAL A 334 -25.51 5.87 34.25
C VAL A 334 -26.64 6.70 33.61
N LYS A 335 -27.87 6.42 34.01
CA LYS A 335 -29.04 7.08 33.47
C LYS A 335 -28.81 8.60 33.53
N GLY A 336 -28.46 9.21 32.40
CA GLY A 336 -28.17 10.64 32.35
C GLY A 336 -27.23 11.04 31.21
N ASN A 337 -26.79 12.29 31.23
CA ASN A 337 -25.85 12.84 30.24
C ASN A 337 -24.47 12.22 30.40
N GLN A 338 -23.77 11.99 29.29
CA GLN A 338 -22.38 11.55 29.34
C GLN A 338 -21.59 12.25 28.22
N LEU A 339 -20.30 12.48 28.47
CA LEU A 339 -19.45 13.22 27.54
C LEU A 339 -18.25 12.45 27.08
N LEU A 340 -17.90 12.64 25.82
CA LEU A 340 -16.71 12.04 25.24
C LEU A 340 -15.74 13.14 24.90
N PRO A 341 -14.44 12.85 24.99
CA PRO A 341 -13.39 13.82 24.67
C PRO A 341 -13.21 14.04 23.16
N VAL A 342 -12.54 15.14 22.83
CA VAL A 342 -12.13 15.37 21.45
C VAL A 342 -10.65 15.65 21.46
N SER A 343 -10.08 15.84 20.28
CA SER A 343 -8.65 16.12 20.14
C SER A 343 -8.41 16.98 18.93
N LEU A 344 -7.35 17.77 19.00
CA LEU A 344 -6.93 18.54 17.83
C LEU A 344 -6.05 17.64 16.99
N VAL A 345 -6.15 17.79 15.68
CA VAL A 345 -5.30 17.08 14.76
C VAL A 345 -4.67 18.13 13.87
N LYS A 346 -3.39 18.38 14.14
CA LYS A 346 -2.66 19.40 13.45
C LYS A 346 -2.16 18.79 12.15
N ARG A 347 -2.64 19.33 11.03
CA ARG A 347 -2.13 18.96 9.70
C ARG A 347 -1.53 20.21 9.03
N LYS A 348 -1.76 20.44 7.73
CA LYS A 348 -1.08 21.55 7.05
C LYS A 348 -2.05 22.70 6.63
N THR A 349 -3.07 23.02 7.42
CA THR A 349 -3.92 24.19 7.11
C THR A 349 -3.83 25.30 8.15
N THR A 350 -2.84 25.22 9.03
CA THR A 350 -2.71 26.15 10.12
C THR A 350 -1.27 26.65 10.21
N LEU A 351 -1.13 27.96 10.26
CA LEU A 351 0.17 28.58 10.20
C LEU A 351 0.11 29.97 10.82
N ALA A 352 1.16 30.32 11.56
CA ALA A 352 1.31 31.68 12.01
C ALA A 352 0.91 32.58 10.85
N PRO A 353 0.10 33.60 11.15
CA PRO A 353 -0.31 34.50 10.09
C PRO A 353 0.80 35.31 9.51
N ASN A 354 0.52 35.75 8.30
CA ASN A 354 1.52 36.19 7.39
C ASN A 354 2.58 36.98 8.07
N THR A 355 3.77 36.46 7.95
CA THR A 355 4.92 37.24 8.07
C THR A 355 5.57 36.85 6.74
N GLN A 356 6.18 37.79 6.01
CA GLN A 356 7.16 37.40 4.98
C GLN A 356 8.38 36.73 5.62
N THR A 357 8.52 36.84 6.97
CA THR A 357 9.28 35.84 7.76
C THR A 357 8.39 34.56 7.84
N ALA A 358 8.47 33.69 6.81
CA ALA A 358 7.76 32.37 6.78
C ALA A 358 8.46 31.34 7.69
N SER A 359 7.74 30.29 8.11
CA SER A 359 8.24 29.32 9.12
C SER A 359 9.29 28.37 8.53
N PRO A 360 10.24 27.89 9.35
CA PRO A 360 11.24 27.01 8.74
C PRO A 360 10.61 25.78 8.06
N ARG A 361 9.82 25.02 8.82
CA ARG A 361 9.34 23.69 8.37
C ARG A 361 8.31 23.71 7.25
N ALA A 362 7.44 24.71 7.19
CA ALA A 362 6.48 24.82 6.07
C ALA A 362 7.12 25.48 4.84
N LEU A 363 8.25 26.15 5.04
CA LEU A 363 8.95 26.79 3.94
C LEU A 363 9.57 25.73 3.07
N ALA A 364 10.29 24.79 3.69
CA ALA A 364 10.87 23.64 2.99
C ALA A 364 9.80 22.77 2.33
N ASP A 365 8.53 23.08 2.62
CA ASP A 365 7.37 22.67 1.83
C ASP A 365 7.12 23.74 0.75
N SER A 366 6.54 24.89 1.13
CA SER A 366 6.12 25.93 0.16
C SER A 366 7.11 26.04 -0.98
N LEU A 367 8.37 26.08 -0.60
CA LEU A 367 9.46 26.15 -1.54
C LEU A 367 9.71 24.80 -2.22
N MET A 368 9.91 23.72 -1.46
CA MET A 368 10.20 22.41 -2.10
C MET A 368 9.11 21.96 -3.09
N GLN A 369 7.98 22.65 -3.11
CA GLN A 369 7.00 22.51 -4.20
C GLN A 369 7.37 23.47 -5.33
N LEU A 370 7.61 24.73 -4.99
CA LEU A 370 8.14 25.78 -5.91
C LEU A 370 9.44 25.28 -6.63
N ALA A 371 10.39 24.82 -5.82
CA ALA A 371 11.58 24.07 -6.25
C ALA A 371 11.26 22.75 -6.94
N ARG A 372 10.23 22.06 -6.47
CA ARG A 372 9.77 20.83 -7.15
C ARG A 372 9.15 21.14 -8.53
N GLN A 373 8.34 22.20 -8.65
CA GLN A 373 7.71 22.58 -9.93
C GLN A 373 8.75 22.85 -11.01
N VAL A 374 9.71 23.70 -10.69
CA VAL A 374 10.82 24.02 -11.61
C VAL A 374 11.69 22.78 -11.85
N SER A 375 11.76 21.88 -10.88
CA SER A 375 12.51 20.61 -11.04
C SER A 375 11.95 19.81 -12.19
N ARG A 376 10.63 19.91 -12.34
CA ARG A 376 9.87 19.21 -13.37
C ARG A 376 10.22 19.74 -14.75
N LEU A 377 9.93 21.03 -14.99
CA LEU A 377 10.23 21.64 -16.29
C LEU A 377 11.70 21.29 -16.66
N GLU A 378 12.65 21.57 -15.75
CA GLU A 378 14.08 21.22 -15.93
C GLU A 378 14.32 19.74 -16.23
N SER A 379 13.54 18.87 -15.60
CA SER A 379 13.51 17.46 -15.97
C SER A 379 13.02 17.35 -17.41
N GLY A 380 11.79 17.84 -17.65
CA GLY A 380 11.14 17.81 -18.98
C GLY A 380 12.05 18.15 -20.15
N GLN A 381 13.04 18.99 -19.87
CA GLN A 381 14.10 19.36 -20.81
C GLN A 381 14.88 18.14 -21.30
N LEU B 83 -47.04 -0.10 4.19
CA LEU B 83 -46.21 -0.53 3.02
C LEU B 83 -44.68 -0.18 3.10
N LEU B 84 -43.88 -1.24 3.27
CA LEU B 84 -42.55 -1.11 3.86
C LEU B 84 -41.49 -1.76 2.99
N ILE B 85 -40.38 -1.09 2.76
CA ILE B 85 -39.34 -1.68 1.91
C ILE B 85 -38.04 -1.82 2.63
N GLY B 86 -37.41 -2.98 2.47
CA GLY B 86 -36.14 -3.24 3.09
C GLY B 86 -34.99 -2.91 2.16
N VAL B 87 -33.93 -2.33 2.71
CA VAL B 87 -32.72 -2.03 1.96
C VAL B 87 -31.51 -2.64 2.64
N ALA B 88 -30.73 -3.44 1.92
CA ALA B 88 -29.48 -3.96 2.45
C ALA B 88 -28.31 -3.18 1.85
N THR B 89 -27.36 -2.74 2.67
CA THR B 89 -26.26 -1.92 2.14
C THR B 89 -24.92 -2.11 2.85
N SER B 90 -23.82 -1.84 2.12
CA SER B 90 -22.46 -2.04 2.65
C SER B 90 -22.37 -1.25 3.92
N SER B 91 -21.88 -1.87 4.98
CA SER B 91 -21.85 -1.19 6.26
C SER B 91 -20.57 -0.37 6.40
N LEU B 92 -20.23 0.35 5.34
CA LEU B 92 -18.88 0.81 5.13
C LEU B 92 -18.74 2.31 4.88
N ALA B 93 -19.78 3.08 5.14
CA ALA B 93 -19.66 4.53 5.19
C ALA B 93 -18.82 5.18 4.06
N LEU B 94 -19.04 4.72 2.83
CA LEU B 94 -18.53 5.44 1.65
C LEU B 94 -19.57 6.45 1.21
N HIS B 95 -19.17 7.39 0.35
CA HIS B 95 -20.08 8.46 -0.06
C HIS B 95 -21.24 8.00 -0.99
N ALA B 96 -20.94 7.28 -2.08
CA ALA B 96 -21.99 6.93 -3.02
C ALA B 96 -23.05 6.09 -2.34
N PRO B 97 -22.66 5.02 -1.65
CA PRO B 97 -23.71 4.25 -0.98
C PRO B 97 -24.55 5.11 -0.03
N SER B 98 -23.92 6.05 0.67
CA SER B 98 -24.67 6.97 1.53
C SER B 98 -25.66 7.75 0.71
N GLN B 99 -25.21 8.33 -0.40
CA GLN B 99 -26.12 9.09 -1.27
C GLN B 99 -27.25 8.26 -1.85
N ILE B 100 -26.93 7.02 -2.17
CA ILE B 100 -27.91 6.15 -2.78
C ILE B 100 -29.03 5.89 -1.79
N VAL B 101 -28.63 5.66 -0.54
CA VAL B 101 -29.61 5.34 0.47
C VAL B 101 -30.44 6.58 0.78
N ALA B 102 -29.83 7.75 0.73
CA ALA B 102 -30.61 8.95 0.88
C ALA B 102 -31.65 9.03 -0.23
N ALA B 103 -31.18 8.87 -1.46
CA ALA B 103 -32.03 8.93 -2.64
C ALA B 103 -33.25 7.98 -2.54
N ILE B 104 -33.03 6.79 -2.02
CA ILE B 104 -34.10 5.84 -1.87
C ILE B 104 -35.12 6.35 -0.87
N LYS B 105 -34.65 6.83 0.26
CA LYS B 105 -35.54 7.32 1.28
C LYS B 105 -36.36 8.43 0.66
N SER B 106 -35.67 9.41 0.10
CA SER B 106 -36.30 10.57 -0.48
C SER B 106 -37.50 10.23 -1.34
N ARG B 107 -37.37 9.19 -2.17
CA ARG B 107 -38.47 8.79 -3.02
C ARG B 107 -39.59 8.20 -2.17
N ALA B 108 -39.24 7.18 -1.41
CA ALA B 108 -40.24 6.49 -0.61
C ALA B 108 -41.07 7.47 0.21
N ASP B 109 -40.42 8.54 0.67
CA ASP B 109 -41.14 9.60 1.36
C ASP B 109 -42.26 10.12 0.49
N GLN B 110 -41.94 10.50 -0.74
CA GLN B 110 -42.94 11.03 -1.65
C GLN B 110 -44.06 10.04 -1.91
N LEU B 111 -43.78 8.75 -1.86
CA LEU B 111 -44.83 7.76 -2.08
C LEU B 111 -45.51 7.32 -0.82
N GLY B 112 -45.01 7.78 0.33
CA GLY B 112 -45.55 7.38 1.62
C GLY B 112 -45.19 5.95 2.01
N ALA B 113 -44.20 5.38 1.37
CA ALA B 113 -43.70 4.07 1.76
C ALA B 113 -42.61 4.28 2.79
N SER B 114 -42.58 3.42 3.80
CA SER B 114 -41.55 3.51 4.81
C SER B 114 -40.37 2.67 4.39
N VAL B 115 -39.20 3.01 4.93
CA VAL B 115 -37.99 2.27 4.66
C VAL B 115 -37.26 1.88 5.94
N VAL B 116 -36.73 0.68 5.90
CA VAL B 116 -35.85 0.14 6.94
C VAL B 116 -34.55 -0.32 6.28
N VAL B 117 -33.44 -0.19 6.99
CA VAL B 117 -32.15 -0.60 6.45
C VAL B 117 -31.44 -1.60 7.36
N SER B 118 -30.91 -2.66 6.76
CA SER B 118 -30.00 -3.56 7.43
C SER B 118 -28.66 -3.38 6.73
N MET B 119 -27.56 -3.72 7.38
CA MET B 119 -26.26 -3.42 6.78
C MET B 119 -25.38 -4.66 6.73
N VAL B 120 -24.50 -4.68 5.73
CA VAL B 120 -23.80 -5.88 5.39
C VAL B 120 -22.31 -5.79 5.74
N GLU B 121 -21.91 -6.70 6.62
CA GLU B 121 -20.61 -6.67 7.27
C GLU B 121 -19.46 -7.08 6.33
N ARG B 122 -19.21 -6.30 5.28
CA ARG B 122 -18.25 -6.71 4.23
C ARG B 122 -18.45 -8.22 3.95
N SER B 123 -17.38 -9.01 3.94
CA SER B 123 -17.50 -10.48 4.01
C SER B 123 -18.36 -11.18 2.92
N GLY B 124 -18.62 -10.52 1.79
CA GLY B 124 -19.26 -11.17 0.62
C GLY B 124 -20.69 -11.67 0.80
N VAL B 125 -20.94 -12.91 0.37
CA VAL B 125 -22.30 -13.43 0.16
C VAL B 125 -23.06 -13.94 1.38
N GLU B 126 -22.37 -14.60 2.30
CA GLU B 126 -23.00 -15.11 3.52
C GLU B 126 -23.50 -13.95 4.37
N ALA B 127 -22.68 -12.90 4.40
CA ALA B 127 -23.01 -11.64 5.09
C ALA B 127 -24.35 -11.14 4.60
N CYS B 128 -24.50 -11.09 3.29
CA CYS B 128 -25.69 -10.54 2.67
C CYS B 128 -26.91 -11.43 2.92
N LYS B 129 -26.73 -12.74 2.80
CA LYS B 129 -27.84 -13.68 3.06
C LYS B 129 -28.45 -13.45 4.46
N ALA B 130 -27.60 -13.04 5.42
CA ALA B 130 -28.02 -12.75 6.79
C ALA B 130 -28.81 -11.45 6.88
N ALA B 131 -28.24 -10.40 6.29
CA ALA B 131 -28.89 -9.08 6.18
C ALA B 131 -30.32 -9.24 5.69
N VAL B 132 -30.47 -10.02 4.62
CA VAL B 132 -31.77 -10.30 4.06
C VAL B 132 -32.72 -10.88 5.12
N HIS B 133 -32.26 -11.91 5.82
CA HIS B 133 -33.10 -12.59 6.79
C HIS B 133 -33.69 -11.67 7.88
N ASN B 134 -32.94 -10.64 8.26
CA ASN B 134 -33.48 -9.63 9.19
C ASN B 134 -34.61 -8.87 8.55
N LEU B 135 -34.32 -8.30 7.38
CA LEU B 135 -35.31 -7.54 6.63
C LEU B 135 -36.59 -8.34 6.45
N LEU B 136 -36.45 -9.62 6.10
CA LEU B 136 -37.60 -10.46 6.00
C LEU B 136 -38.32 -10.54 7.34
N ALA B 137 -37.57 -10.82 8.41
CA ALA B 137 -38.17 -10.92 9.74
C ALA B 137 -38.98 -9.67 10.05
N GLN B 138 -38.49 -8.54 9.57
CA GLN B 138 -39.19 -7.27 9.69
C GLN B 138 -40.58 -7.15 9.05
N ARG B 139 -41.01 -8.19 8.35
CA ARG B 139 -42.33 -8.21 7.70
C ARG B 139 -42.41 -7.13 6.58
N VAL B 140 -41.30 -6.92 5.85
CA VAL B 140 -41.25 -5.98 4.71
C VAL B 140 -42.15 -6.42 3.56
N SER B 141 -42.32 -5.53 2.59
CA SER B 141 -43.06 -5.84 1.36
C SER B 141 -42.18 -5.89 0.10
N GLY B 142 -40.87 -5.70 0.24
CA GLY B 142 -39.95 -5.76 -0.88
C GLY B 142 -38.53 -5.40 -0.53
N LEU B 143 -37.57 -5.83 -1.35
CA LEU B 143 -36.16 -5.66 -1.01
C LEU B 143 -35.39 -4.92 -2.09
N ILE B 144 -34.44 -4.11 -1.66
CA ILE B 144 -33.51 -3.46 -2.57
C ILE B 144 -32.11 -3.77 -2.09
N ILE B 145 -31.35 -4.53 -2.88
CA ILE B 145 -30.06 -4.99 -2.47
C ILE B 145 -28.98 -4.04 -2.95
N ASN B 146 -28.52 -3.17 -2.07
CA ASN B 146 -27.49 -2.18 -2.42
C ASN B 146 -26.12 -2.61 -1.89
N TYR B 147 -25.62 -3.70 -2.44
CA TYR B 147 -24.35 -4.28 -2.02
C TYR B 147 -23.83 -4.91 -3.28
N PRO B 148 -22.51 -4.86 -3.51
CA PRO B 148 -21.99 -5.35 -4.77
C PRO B 148 -21.72 -6.86 -4.72
N LEU B 149 -22.39 -7.62 -5.58
CA LEU B 149 -22.32 -9.07 -5.59
C LEU B 149 -21.89 -9.65 -6.95
N ASP B 150 -21.12 -10.75 -6.91
CA ASP B 150 -20.82 -11.56 -8.10
C ASP B 150 -22.12 -12.11 -8.65
N ASP B 151 -22.14 -12.45 -9.92
CA ASP B 151 -23.34 -13.01 -10.54
C ASP B 151 -23.79 -14.30 -9.84
N GLN B 152 -22.82 -15.15 -9.48
CA GLN B 152 -23.10 -16.35 -8.72
C GLN B 152 -23.69 -16.00 -7.35
N ASP B 153 -23.07 -15.04 -6.65
CA ASP B 153 -23.52 -14.65 -5.30
C ASP B 153 -24.94 -14.08 -5.29
N ALA B 154 -25.26 -13.26 -6.30
CA ALA B 154 -26.57 -12.61 -6.41
C ALA B 154 -27.70 -13.63 -6.44
N ILE B 155 -27.52 -14.65 -7.28
CA ILE B 155 -28.52 -15.70 -7.46
C ILE B 155 -28.81 -16.43 -6.15
N ALA B 156 -27.76 -16.58 -5.36
CA ALA B 156 -27.84 -17.18 -4.04
C ALA B 156 -28.70 -16.30 -3.16
N VAL B 157 -28.40 -15.03 -3.18
CA VAL B 157 -29.12 -14.07 -2.37
C VAL B 157 -30.56 -13.97 -2.82
N GLU B 158 -30.80 -13.99 -4.13
CA GLU B 158 -32.20 -14.04 -4.61
C GLU B 158 -32.92 -15.24 -4.02
N ALA B 159 -32.23 -16.38 -3.94
CA ALA B 159 -32.83 -17.58 -3.35
C ALA B 159 -33.43 -17.34 -1.96
N ALA B 160 -32.72 -16.58 -1.13
CA ALA B 160 -33.15 -16.28 0.26
C ALA B 160 -34.48 -15.52 0.34
N CYS B 161 -34.72 -14.66 -0.65
CA CYS B 161 -35.93 -13.87 -0.69
C CYS B 161 -37.14 -14.75 -0.99
N THR B 162 -37.55 -15.46 0.05
CA THR B 162 -38.63 -16.42 -0.07
C THR B 162 -39.94 -15.68 -0.31
N ASN B 163 -40.38 -15.71 -1.59
CA ASN B 163 -41.62 -15.07 -2.09
C ASN B 163 -41.63 -13.53 -1.99
N VAL B 164 -40.46 -12.90 -1.85
CA VAL B 164 -40.44 -11.44 -1.68
C VAL B 164 -39.75 -10.74 -2.83
N PRO B 165 -40.46 -9.81 -3.49
CA PRO B 165 -39.88 -9.09 -4.61
C PRO B 165 -38.54 -8.47 -4.27
N ALA B 166 -37.51 -8.79 -5.02
CA ALA B 166 -36.14 -8.31 -4.71
C ALA B 166 -35.44 -7.68 -5.91
N LEU B 167 -34.94 -6.47 -5.73
CA LEU B 167 -34.39 -5.71 -6.82
C LEU B 167 -32.95 -5.37 -6.56
N PHE B 168 -32.03 -5.88 -7.37
CA PHE B 168 -30.59 -5.72 -7.12
C PHE B 168 -29.99 -4.50 -7.81
N LEU B 169 -29.12 -3.77 -7.11
CA LEU B 169 -28.37 -2.66 -7.70
C LEU B 169 -26.94 -3.05 -7.99
N THR B 170 -26.75 -4.35 -8.23
CA THR B 170 -25.58 -4.85 -8.94
C THR B 170 -26.08 -5.68 -10.08
N ALA B 171 -25.20 -5.91 -11.04
CA ALA B 171 -25.41 -6.91 -12.07
C ALA B 171 -24.11 -6.99 -12.84
N SER B 172 -24.15 -7.80 -13.89
CA SER B 172 -23.35 -7.55 -15.08
C SER B 172 -24.37 -7.75 -16.22
N ASP B 173 -23.88 -7.76 -17.46
CA ASP B 173 -24.72 -7.91 -18.66
C ASP B 173 -25.91 -8.88 -18.52
N GLN B 174 -25.67 -10.19 -18.53
CA GLN B 174 -26.77 -11.17 -18.60
C GLN B 174 -27.16 -11.89 -17.30
N THR B 175 -26.98 -11.22 -16.15
CA THR B 175 -27.71 -11.52 -14.89
C THR B 175 -29.19 -11.82 -15.22
N PRO B 176 -29.75 -12.99 -14.80
CA PRO B 176 -31.19 -13.29 -15.02
C PRO B 176 -32.09 -12.83 -13.88
N LEU B 177 -31.60 -11.83 -13.13
CA LEU B 177 -32.30 -11.27 -11.98
C LEU B 177 -32.76 -9.85 -12.26
N ASN B 178 -33.66 -9.36 -11.41
CA ASN B 178 -34.10 -7.98 -11.48
C ASN B 178 -33.02 -7.03 -11.00
N SER B 179 -32.57 -6.14 -11.88
CA SER B 179 -31.53 -5.19 -11.51
C SER B 179 -31.74 -3.83 -12.12
N ILE B 180 -31.09 -2.84 -11.52
CA ILE B 180 -30.87 -1.56 -12.14
C ILE B 180 -29.44 -1.15 -11.82
N ILE B 181 -28.64 -0.93 -12.85
CA ILE B 181 -27.32 -0.39 -12.65
C ILE B 181 -27.06 0.59 -13.74
N PHE B 182 -26.04 1.42 -13.54
CA PHE B 182 -25.66 2.38 -14.54
C PHE B 182 -24.91 1.66 -15.60
N SER B 183 -24.93 2.22 -16.80
CA SER B 183 -24.05 1.75 -17.83
C SER B 183 -22.62 2.01 -17.41
N HIS B 184 -21.87 0.92 -17.25
CA HIS B 184 -20.45 1.02 -17.00
C HIS B 184 -19.76 1.16 -18.36
N GLU B 185 -20.34 0.50 -19.37
CA GLU B 185 -19.86 0.60 -20.74
C GLU B 185 -19.75 2.04 -21.21
N ASP B 186 -20.70 2.88 -20.79
CA ASP B 186 -20.67 4.29 -21.14
C ASP B 186 -19.63 5.04 -20.32
N GLY B 187 -19.74 4.97 -19.01
CA GLY B 187 -18.85 5.68 -18.11
C GLY B 187 -17.37 5.50 -18.44
N THR B 188 -17.01 4.30 -18.89
CA THR B 188 -15.63 4.05 -19.24
C THR B 188 -15.33 4.65 -20.60
N ARG B 189 -16.21 4.45 -21.57
CA ARG B 189 -16.02 5.03 -22.89
C ARG B 189 -15.83 6.52 -22.73
N LEU B 190 -16.81 7.17 -22.12
CA LEU B 190 -16.80 8.63 -21.97
C LEU B 190 -15.48 9.14 -21.45
N GLY B 191 -15.05 8.55 -20.33
CA GLY B 191 -13.77 8.93 -19.73
C GLY B 191 -12.63 8.80 -20.73
N VAL B 192 -12.49 7.62 -21.30
CA VAL B 192 -11.43 7.37 -22.24
C VAL B 192 -11.52 8.31 -23.45
N GLU B 193 -12.70 8.39 -24.06
CA GLU B 193 -12.91 9.30 -25.16
C GLU B 193 -12.60 10.75 -24.80
N HIS B 194 -13.00 11.19 -23.62
CA HIS B 194 -12.66 12.54 -23.20
C HIS B 194 -11.14 12.79 -23.19
N LEU B 195 -10.39 11.87 -22.58
CA LEU B 195 -8.94 12.03 -22.44
C LEU B 195 -8.22 11.89 -23.76
N VAL B 196 -8.62 10.89 -24.53
CA VAL B 196 -8.01 10.64 -25.82
C VAL B 196 -8.19 11.84 -26.73
N ALA B 197 -9.38 12.45 -26.69
CA ALA B 197 -9.68 13.65 -27.47
C ALA B 197 -8.79 14.81 -27.09
N LEU B 198 -8.52 14.97 -25.79
CA LEU B 198 -7.57 15.99 -25.36
C LEU B 198 -6.13 15.69 -25.79
N GLY B 199 -5.86 14.45 -26.17
CA GLY B 199 -4.60 14.11 -26.78
C GLY B 199 -3.63 13.38 -25.86
N HIS B 200 -4.15 12.84 -24.76
CA HIS B 200 -3.32 12.09 -23.83
C HIS B 200 -3.04 10.71 -24.39
N GLN B 201 -1.79 10.25 -24.29
CA GLN B 201 -1.40 8.88 -24.70
C GLN B 201 -0.86 8.08 -23.51
N GLN B 202 -0.02 8.72 -22.69
CA GLN B 202 0.49 8.10 -21.48
C GLN B 202 -0.57 8.20 -20.37
N ILE B 203 -1.45 7.21 -20.31
CA ILE B 203 -2.57 7.17 -19.37
C ILE B 203 -2.43 6.05 -18.35
N ALA B 204 -2.94 6.30 -17.14
CA ALA B 204 -2.88 5.33 -16.06
C ALA B 204 -4.25 5.10 -15.39
N LEU B 205 -4.42 3.91 -14.85
CA LEU B 205 -5.69 3.49 -14.27
C LEU B 205 -5.59 3.28 -12.78
N LEU B 206 -6.67 3.62 -12.11
CA LEU B 206 -6.74 3.45 -10.68
C LEU B 206 -8.10 2.86 -10.35
N ALA B 207 -8.09 1.55 -10.18
CA ALA B 207 -9.31 0.78 -9.99
C ALA B 207 -9.70 0.73 -8.54
N GLY B 208 -10.97 0.38 -8.34
CA GLY B 208 -11.46 0.04 -7.04
C GLY B 208 -10.91 -1.32 -6.71
N PRO B 209 -11.29 -1.84 -5.54
CA PRO B 209 -10.80 -3.12 -5.11
C PRO B 209 -11.40 -4.17 -6.00
N LEU B 210 -10.54 -4.93 -6.69
CA LEU B 210 -10.99 -5.83 -7.75
C LEU B 210 -11.75 -7.03 -7.24
N SER B 211 -11.68 -7.29 -5.94
CA SER B 211 -12.63 -8.21 -5.30
C SER B 211 -14.07 -7.74 -5.51
N SER B 212 -14.28 -6.43 -5.52
CA SER B 212 -15.59 -5.88 -5.89
C SER B 212 -15.77 -5.90 -7.41
N VAL B 213 -16.96 -6.32 -7.84
CA VAL B 213 -17.31 -6.47 -9.26
C VAL B 213 -17.55 -5.11 -9.94
N ASP B 214 -17.99 -4.13 -9.15
CA ASP B 214 -17.97 -2.75 -9.60
C ASP B 214 -16.67 -2.51 -10.33
N ALA B 215 -15.59 -2.64 -9.54
CA ALA B 215 -14.28 -2.14 -9.91
C ALA B 215 -13.81 -2.92 -11.07
N ARG B 216 -14.11 -4.22 -11.04
CA ARG B 216 -13.71 -5.10 -12.13
C ARG B 216 -14.26 -4.66 -13.47
N LEU B 217 -15.55 -4.37 -13.53
CA LEU B 217 -16.16 -3.98 -14.78
C LEU B 217 -15.55 -2.67 -15.27
N ARG B 218 -15.51 -1.69 -14.39
CA ARG B 218 -15.03 -0.42 -14.79
C ARG B 218 -13.61 -0.55 -15.33
N LEU B 219 -12.78 -1.34 -14.68
CA LEU B 219 -11.42 -1.55 -15.17
C LEU B 219 -11.42 -2.19 -16.56
N ALA B 220 -12.26 -3.20 -16.77
CA ALA B 220 -12.38 -3.85 -18.07
C ALA B 220 -12.76 -2.84 -19.14
N GLY B 221 -13.80 -2.06 -18.85
CA GLY B 221 -14.24 -0.99 -19.72
C GLY B 221 -13.09 -0.12 -20.19
N TRP B 222 -12.40 0.49 -19.23
CA TRP B 222 -11.25 1.32 -19.58
C TRP B 222 -10.34 0.55 -20.54
N HIS B 223 -9.86 -0.62 -20.11
CA HIS B 223 -8.98 -1.42 -20.94
C HIS B 223 -9.50 -1.54 -22.35
N LYS B 224 -10.80 -1.87 -22.47
CA LYS B 224 -11.44 -2.04 -23.76
C LYS B 224 -11.31 -0.80 -24.62
N TYR B 225 -11.79 0.33 -24.11
CA TYR B 225 -11.84 1.54 -24.93
C TYR B 225 -10.46 2.13 -25.22
N LEU B 226 -9.52 1.94 -24.30
CA LEU B 226 -8.14 2.30 -24.57
C LEU B 226 -7.60 1.45 -25.68
N THR B 227 -7.71 0.14 -25.51
CA THR B 227 -7.31 -0.83 -26.54
C THR B 227 -7.95 -0.44 -27.88
N ARG B 228 -9.22 -0.05 -27.82
CA ARG B 228 -9.96 0.39 -28.99
C ARG B 228 -9.47 1.72 -29.58
N ASN B 229 -8.63 2.43 -28.84
CA ASN B 229 -8.05 3.67 -29.34
C ASN B 229 -6.54 3.48 -29.47
N GLN B 230 -6.12 2.25 -29.78
CA GLN B 230 -4.70 1.91 -29.94
C GLN B 230 -3.79 2.38 -28.80
N ILE B 231 -4.30 2.49 -27.57
CA ILE B 231 -3.49 2.80 -26.41
C ILE B 231 -3.59 1.65 -25.42
N GLN B 232 -2.44 1.22 -24.90
CA GLN B 232 -2.39 0.37 -23.72
C GLN B 232 -1.96 1.25 -22.56
N PRO B 233 -2.65 1.17 -21.40
CA PRO B 233 -2.36 2.09 -20.29
C PRO B 233 -0.94 1.91 -19.81
N ILE B 234 -0.30 2.98 -19.38
CA ILE B 234 1.10 2.90 -18.95
C ILE B 234 1.26 2.31 -17.54
N ALA B 235 0.17 2.24 -16.78
CA ALA B 235 0.23 1.65 -15.45
C ALA B 235 -1.18 1.56 -14.88
N GLU B 236 -1.48 0.45 -14.23
CA GLU B 236 -2.74 0.32 -13.54
C GLU B 236 -2.48 -0.08 -12.10
N ARG B 237 -3.43 0.29 -11.24
CA ARG B 237 -3.29 0.12 -9.83
C ARG B 237 -4.66 0.01 -9.21
N GLU B 238 -4.71 -0.59 -8.04
CA GLU B 238 -5.96 -0.90 -7.38
C GLU B 238 -5.98 -0.21 -6.03
N GLY B 239 -7.08 0.46 -5.72
CA GLY B 239 -7.31 1.02 -4.40
C GLY B 239 -8.43 0.26 -3.72
N ASP B 240 -9.06 0.91 -2.75
CA ASP B 240 -10.15 0.29 -2.00
C ASP B 240 -11.35 1.22 -1.85
N TRP B 241 -11.45 2.24 -2.71
CA TRP B 241 -12.49 3.28 -2.66
C TRP B 241 -12.16 4.45 -1.72
N SER B 242 -11.21 4.27 -0.80
CA SER B 242 -10.90 5.32 0.15
C SER B 242 -10.09 6.42 -0.54
N ALA B 243 -10.18 7.63 -0.01
CA ALA B 243 -9.38 8.73 -0.49
C ALA B 243 -7.91 8.43 -0.25
N MET B 244 -7.63 7.91 0.94
CA MET B 244 -6.24 7.63 1.33
C MET B 244 -5.58 6.53 0.46
N SER B 245 -6.33 5.53 0.02
CA SER B 245 -5.78 4.53 -0.87
C SER B 245 -5.49 5.16 -2.22
N GLY B 246 -6.27 6.14 -2.60
CA GLY B 246 -6.00 6.91 -3.82
C GLY B 246 -4.65 7.59 -3.77
N PHE B 247 -4.39 8.28 -2.67
CA PHE B 247 -3.10 8.90 -2.43
C PHE B 247 -1.91 7.91 -2.43
N GLN B 248 -2.03 6.82 -1.69
CA GLN B 248 -0.93 5.87 -1.55
C GLN B 248 -0.54 5.22 -2.88
N GLN B 249 -1.52 4.86 -3.70
CA GLN B 249 -1.21 4.25 -4.99
C GLN B 249 -0.62 5.28 -5.90
N THR B 250 -1.20 6.46 -5.94
CA THR B 250 -0.67 7.48 -6.81
C THR B 250 0.76 7.90 -6.43
N MET B 251 1.06 7.99 -5.14
CA MET B 251 2.45 8.26 -4.71
C MET B 251 3.38 7.13 -5.10
N GLN B 252 2.99 5.90 -4.76
CA GLN B 252 3.81 4.73 -5.07
C GLN B 252 4.20 4.73 -6.52
N MET B 253 3.23 5.04 -7.37
CA MET B 253 3.42 5.07 -8.81
C MET B 253 4.40 6.16 -9.22
N LEU B 254 4.17 7.36 -8.72
CA LEU B 254 5.01 8.48 -9.09
C LEU B 254 6.43 8.28 -8.59
N ASN B 255 6.56 7.72 -7.39
CA ASN B 255 7.88 7.49 -6.78
C ASN B 255 8.63 6.35 -7.44
N GLU B 256 7.91 5.52 -8.18
CA GLU B 256 8.53 4.58 -9.11
C GLU B 256 9.03 5.27 -10.39
N GLY B 257 8.66 6.54 -10.59
CA GLY B 257 9.08 7.28 -11.78
C GLY B 257 8.18 7.05 -12.98
N ILE B 258 7.03 6.40 -12.76
CA ILE B 258 6.00 6.30 -13.77
C ILE B 258 5.18 7.56 -13.62
N VAL B 259 5.12 8.36 -14.68
CA VAL B 259 4.43 9.64 -14.62
C VAL B 259 3.54 9.82 -15.82
N PRO B 260 2.26 9.50 -15.66
CA PRO B 260 1.33 9.67 -16.76
C PRO B 260 1.02 11.14 -16.97
N THR B 261 0.27 11.42 -18.02
CA THR B 261 -0.27 12.74 -18.27
C THR B 261 -1.74 12.72 -17.89
N ALA B 262 -2.29 11.53 -17.66
CA ALA B 262 -3.69 11.44 -17.30
C ALA B 262 -3.98 10.18 -16.49
N MET B 263 -4.98 10.29 -15.63
CA MET B 263 -5.40 9.18 -14.80
C MET B 263 -6.89 9.00 -14.86
N LEU B 264 -7.30 7.78 -15.13
CA LEU B 264 -8.69 7.41 -14.95
C LEU B 264 -8.79 6.79 -13.57
N VAL B 265 -9.66 7.34 -12.72
CA VAL B 265 -9.86 6.86 -11.36
C VAL B 265 -11.29 6.35 -11.16
N ALA B 266 -11.40 5.28 -10.38
CA ALA B 266 -12.62 4.48 -10.28
C ALA B 266 -13.69 4.99 -9.31
N ASN B 267 -13.39 6.00 -8.53
CA ASN B 267 -14.42 6.73 -7.77
C ASN B 267 -13.90 8.08 -7.27
N ASP B 268 -14.78 8.97 -6.90
CA ASP B 268 -14.36 10.34 -6.59
C ASP B 268 -13.47 10.49 -5.34
N GLN B 269 -13.56 9.56 -4.38
CA GLN B 269 -12.74 9.68 -3.18
C GLN B 269 -11.28 9.32 -3.48
N MET B 270 -11.09 8.20 -4.18
CA MET B 270 -9.76 7.83 -4.63
C MET B 270 -9.14 8.95 -5.47
N ALA B 271 -9.92 9.59 -6.33
CA ALA B 271 -9.42 10.73 -7.11
C ALA B 271 -8.82 11.80 -6.20
N LEU B 272 -9.59 12.19 -5.21
CA LEU B 272 -9.14 13.21 -4.28
C LEU B 272 -7.76 12.88 -3.78
N GLY B 273 -7.56 11.62 -3.36
CA GLY B 273 -6.26 11.18 -2.85
C GLY B 273 -5.17 11.23 -3.89
N ALA B 274 -5.51 10.76 -5.08
CA ALA B 274 -4.60 10.85 -6.19
C ALA B 274 -4.26 12.30 -6.48
N MET B 275 -5.25 13.18 -6.38
CA MET B 275 -4.99 14.59 -6.65
C MET B 275 -3.95 15.16 -5.68
N ARG B 276 -4.08 14.85 -4.40
CA ARG B 276 -3.09 15.32 -3.41
C ARG B 276 -1.73 14.77 -3.75
N ALA B 277 -1.68 13.47 -4.05
CA ALA B 277 -0.42 12.83 -4.38
C ALA B 277 0.32 13.58 -5.51
N ILE B 278 -0.41 13.81 -6.61
CA ILE B 278 0.07 14.63 -7.73
C ILE B 278 0.63 15.95 -7.24
N THR B 279 -0.22 16.66 -6.50
CA THR B 279 0.08 18.02 -6.06
C THR B 279 1.32 18.05 -5.20
N GLU B 280 1.38 17.17 -4.20
CA GLU B 280 2.51 17.12 -3.29
C GLU B 280 3.78 16.65 -3.99
N SER B 281 3.59 15.89 -5.07
CA SER B 281 4.70 15.53 -5.96
C SER B 281 5.17 16.68 -6.85
N GLY B 282 4.80 17.91 -6.50
CA GLY B 282 5.29 19.09 -7.21
C GLY B 282 4.67 19.26 -8.58
N LEU B 283 3.56 18.57 -8.82
CA LEU B 283 2.90 18.63 -10.11
C LEU B 283 1.53 19.25 -9.99
N ARG B 284 0.99 19.66 -11.13
CA ARG B 284 -0.30 20.31 -11.17
C ARG B 284 -1.33 19.38 -11.75
N VAL B 285 -2.46 19.30 -11.08
CA VAL B 285 -3.59 18.57 -11.57
C VAL B 285 -4.13 19.33 -12.77
N GLY B 286 -4.57 18.56 -13.77
CA GLY B 286 -4.97 19.10 -15.06
C GLY B 286 -3.73 19.40 -15.89
N ALA B 287 -3.16 20.57 -15.65
CA ALA B 287 -2.02 21.08 -16.40
C ALA B 287 -0.96 20.01 -16.68
N ASP B 288 -0.56 19.29 -15.64
CA ASP B 288 0.48 18.26 -15.78
C ASP B 288 -0.10 16.87 -15.89
N ILE B 289 -0.85 16.47 -14.88
CA ILE B 289 -1.54 15.21 -14.88
C ILE B 289 -3.01 15.48 -14.79
N SER B 290 -3.74 15.20 -15.86
CA SER B 290 -5.19 15.32 -15.81
C SER B 290 -5.74 14.13 -15.03
N VAL B 291 -6.90 14.33 -14.41
CA VAL B 291 -7.57 13.29 -13.61
C VAL B 291 -9.07 13.26 -13.88
N VAL B 292 -9.63 12.07 -13.97
CA VAL B 292 -11.05 11.91 -14.19
C VAL B 292 -11.64 10.93 -13.21
N GLY B 293 -12.62 11.43 -12.45
CA GLY B 293 -13.26 10.65 -11.40
C GLY B 293 -14.28 9.65 -11.91
N TYR B 294 -15.14 9.22 -10.99
CA TYR B 294 -16.25 8.35 -11.32
C TYR B 294 -17.26 8.40 -10.15
N ASP B 295 -18.39 9.08 -10.37
CA ASP B 295 -19.56 9.07 -9.47
C ASP B 295 -20.22 10.45 -9.47
N ASP B 296 -19.39 11.50 -9.49
CA ASP B 296 -19.84 12.85 -9.11
C ASP B 296 -20.70 12.81 -7.85
N THR B 297 -20.03 12.47 -6.75
CA THR B 297 -20.57 12.59 -5.44
C THR B 297 -20.53 14.06 -5.05
N GLU B 298 -21.23 14.39 -3.98
CA GLU B 298 -21.46 15.79 -3.60
C GLU B 298 -20.18 16.61 -3.48
N ASP B 299 -19.25 16.12 -2.68
CA ASP B 299 -18.06 16.89 -2.38
C ASP B 299 -17.29 17.31 -3.64
N SER B 300 -17.34 16.48 -4.69
CA SER B 300 -16.43 16.58 -5.85
C SER B 300 -16.44 17.93 -6.58
N SER B 301 -17.60 18.51 -6.80
CA SER B 301 -17.67 19.88 -7.33
C SER B 301 -16.79 20.91 -6.59
N CYS B 302 -16.40 20.61 -5.34
CA CYS B 302 -15.54 21.50 -4.54
C CYS B 302 -14.11 20.96 -4.22
N TYR B 303 -13.68 19.89 -4.90
CA TYR B 303 -12.30 19.46 -4.79
C TYR B 303 -11.46 20.59 -5.36
N ILE B 304 -10.17 20.62 -5.01
CA ILE B 304 -9.33 21.72 -5.43
C ILE B 304 -8.31 21.09 -6.36
N PRO B 305 -8.46 21.28 -7.68
CA PRO B 305 -9.52 21.98 -8.43
C PRO B 305 -10.75 21.11 -8.69
N PRO B 306 -11.92 21.73 -8.94
CA PRO B 306 -13.14 20.98 -9.11
C PRO B 306 -12.96 19.83 -10.08
N LEU B 307 -13.37 18.65 -9.64
CA LEU B 307 -13.02 17.41 -10.31
C LEU B 307 -13.90 17.17 -11.49
N THR B 308 -13.26 16.81 -12.60
CA THR B 308 -13.95 16.31 -13.77
C THR B 308 -14.24 14.85 -13.49
N THR B 309 -15.48 14.43 -13.69
CA THR B 309 -15.86 13.07 -13.35
C THR B 309 -17.11 12.58 -14.08
N ILE B 310 -17.32 11.26 -14.04
CA ILE B 310 -18.49 10.64 -14.63
C ILE B 310 -19.66 10.72 -13.66
N LYS B 311 -20.67 11.50 -14.02
CA LYS B 311 -21.82 11.60 -13.14
C LYS B 311 -22.67 10.36 -13.27
N GLN B 312 -22.90 9.72 -12.13
CA GLN B 312 -23.96 8.74 -11.99
C GLN B 312 -25.00 9.38 -11.07
N ASP B 313 -26.23 9.45 -11.55
CA ASP B 313 -27.26 10.18 -10.83
C ASP B 313 -27.92 9.30 -9.84
N PHE B 314 -27.45 9.35 -8.60
CA PHE B 314 -27.99 8.48 -7.57
C PHE B 314 -29.40 8.90 -7.19
N ARG B 315 -29.68 10.21 -7.21
CA ARG B 315 -31.05 10.72 -6.98
C ARG B 315 -31.99 9.90 -7.85
N LEU B 316 -31.62 9.78 -9.12
CA LEU B 316 -32.36 9.02 -10.12
C LEU B 316 -32.48 7.55 -9.80
N LEU B 317 -31.35 6.88 -9.67
CA LEU B 317 -31.32 5.48 -9.27
C LEU B 317 -32.25 5.16 -8.06
N GLY B 318 -32.22 6.01 -7.02
CA GLY B 318 -33.18 5.87 -5.92
C GLY B 318 -34.63 5.86 -6.42
N GLN B 319 -35.03 6.98 -7.00
CA GLN B 319 -36.35 7.13 -7.56
C GLN B 319 -36.76 5.95 -8.44
N THR B 320 -35.91 5.63 -9.41
CA THR B 320 -36.12 4.52 -10.30
C THR B 320 -36.41 3.24 -9.54
N SER B 321 -35.47 2.83 -8.71
CA SER B 321 -35.53 1.49 -8.12
C SER B 321 -36.72 1.30 -7.20
N VAL B 322 -37.04 2.31 -6.42
CA VAL B 322 -38.25 2.25 -5.58
C VAL B 322 -39.53 2.01 -6.44
N ASP B 323 -39.72 2.84 -7.45
CA ASP B 323 -40.85 2.69 -8.33
C ASP B 323 -40.84 1.32 -8.96
N ARG B 324 -39.68 0.90 -9.46
CA ARG B 324 -39.58 -0.42 -10.05
C ARG B 324 -39.97 -1.48 -9.04
N LEU B 325 -39.47 -1.38 -7.81
CA LEU B 325 -39.77 -2.38 -6.80
C LEU B 325 -41.26 -2.46 -6.50
N LEU B 326 -41.93 -1.32 -6.54
CA LEU B 326 -43.34 -1.27 -6.24
C LEU B 326 -44.14 -1.92 -7.36
N GLN B 327 -43.75 -1.65 -8.60
CA GLN B 327 -44.29 -2.40 -9.72
C GLN B 327 -44.13 -3.88 -9.44
N LEU B 328 -42.90 -4.28 -9.11
CA LEU B 328 -42.59 -5.68 -8.88
C LEU B 328 -43.50 -6.35 -7.87
N SER B 329 -43.77 -5.68 -6.75
CA SER B 329 -44.67 -6.23 -5.71
C SER B 329 -46.14 -6.32 -6.17
N GLN B 330 -46.46 -5.63 -7.26
CA GLN B 330 -47.77 -5.76 -7.93
C GLN B 330 -47.79 -6.81 -9.05
N GLY B 331 -46.72 -7.59 -9.18
CA GLY B 331 -46.66 -8.72 -10.12
C GLY B 331 -46.73 -8.30 -11.57
N GLN B 332 -46.04 -7.21 -11.91
CA GLN B 332 -46.08 -6.66 -13.27
C GLN B 332 -44.92 -5.70 -13.48
N ALA B 333 -43.80 -6.22 -13.96
CA ALA B 333 -42.62 -5.39 -14.16
C ALA B 333 -41.76 -5.89 -15.30
N VAL B 334 -40.77 -5.07 -15.65
CA VAL B 334 -39.75 -5.48 -16.62
C VAL B 334 -38.81 -6.47 -15.94
N LYS B 335 -39.34 -7.62 -15.53
CA LYS B 335 -38.58 -8.62 -14.78
C LYS B 335 -37.28 -8.89 -15.55
N GLY B 336 -36.17 -8.31 -15.09
CA GLY B 336 -34.87 -8.46 -15.75
C GLY B 336 -33.89 -7.32 -15.47
N ASN B 337 -32.78 -7.31 -16.20
CA ASN B 337 -31.75 -6.26 -16.10
C ASN B 337 -32.28 -4.94 -16.66
N GLN B 338 -31.88 -3.83 -16.06
CA GLN B 338 -32.18 -2.51 -16.60
C GLN B 338 -30.97 -1.59 -16.42
N LEU B 339 -30.80 -0.65 -17.35
CA LEU B 339 -29.63 0.24 -17.34
C LEU B 339 -30.00 1.70 -17.27
N LEU B 340 -29.19 2.45 -16.54
CA LEU B 340 -29.33 3.87 -16.43
C LEU B 340 -28.14 4.51 -17.09
N PRO B 341 -28.34 5.72 -17.66
CA PRO B 341 -27.27 6.44 -18.34
C PRO B 341 -26.31 7.13 -17.38
N VAL B 342 -25.16 7.50 -17.91
CA VAL B 342 -24.24 8.33 -17.14
C VAL B 342 -23.92 9.53 -18.01
N SER B 343 -23.13 10.44 -17.45
CA SER B 343 -22.73 11.65 -18.17
C SER B 343 -21.37 12.11 -17.71
N LEU B 344 -20.64 12.75 -18.61
CA LEU B 344 -19.36 13.35 -18.25
C LEU B 344 -19.68 14.71 -17.68
N VAL B 345 -18.92 15.12 -16.66
CA VAL B 345 -19.02 16.44 -16.09
C VAL B 345 -17.65 17.06 -16.14
N LYS B 346 -17.47 17.95 -17.10
CA LYS B 346 -16.16 18.57 -17.38
C LYS B 346 -16.01 19.72 -16.37
N ARG B 347 -15.05 19.59 -15.46
CA ARG B 347 -14.68 20.67 -14.52
C ARG B 347 -13.23 21.09 -14.80
N LYS B 348 -12.41 21.27 -13.78
CA LYS B 348 -11.09 21.79 -14.00
C LYS B 348 -9.97 20.82 -13.70
N THR B 349 -10.14 19.52 -13.94
CA THR B 349 -9.00 18.58 -13.78
C THR B 349 -8.58 17.91 -15.08
N THR B 350 -9.02 18.46 -16.20
CA THR B 350 -8.74 17.86 -17.50
C THR B 350 -8.25 18.92 -18.48
N LEU B 351 -7.13 18.63 -19.13
CA LEU B 351 -6.47 19.60 -19.99
C LEU B 351 -5.58 18.90 -20.99
N ALA B 352 -5.57 19.39 -22.22
CA ALA B 352 -4.57 18.97 -23.20
C ALA B 352 -3.22 18.87 -22.50
N PRO B 353 -2.49 17.79 -22.73
CA PRO B 353 -1.23 17.60 -22.01
C PRO B 353 -0.26 18.70 -22.45
N ASN B 354 0.34 19.41 -21.51
CA ASN B 354 1.33 20.49 -21.78
C ASN B 354 2.61 20.07 -22.52
N THR B 355 2.92 20.76 -23.62
CA THR B 355 4.28 20.72 -24.23
C THR B 355 5.25 21.91 -23.87
N GLN B 356 4.93 22.66 -22.81
CA GLN B 356 5.60 23.92 -22.47
C GLN B 356 7.11 23.77 -22.16
N THR B 357 7.92 23.69 -23.22
CA THR B 357 9.39 23.79 -23.08
C THR B 357 9.72 25.21 -22.61
N ALA B 358 9.93 25.44 -21.30
CA ALA B 358 10.45 26.74 -20.79
C ALA B 358 11.94 26.91 -21.15
N SER B 359 12.42 28.17 -21.18
CA SER B 359 13.79 28.47 -21.66
C SER B 359 14.86 28.10 -20.64
N PRO B 360 16.06 27.70 -21.12
CA PRO B 360 17.04 27.36 -20.11
C PRO B 360 17.29 28.47 -19.08
N ARG B 361 17.65 29.67 -19.55
CA ARG B 361 18.15 30.73 -18.68
C ARG B 361 17.15 31.41 -17.76
N ALA B 362 15.91 31.52 -18.19
CA ALA B 362 14.86 32.05 -17.31
C ALA B 362 14.32 30.98 -16.35
N LEU B 363 14.56 29.71 -16.69
CA LEU B 363 14.10 28.62 -15.87
C LEU B 363 14.91 28.62 -14.60
N ALA B 364 16.22 28.70 -14.73
CA ALA B 364 17.12 28.78 -13.59
C ALA B 364 16.90 30.03 -12.73
N ASP B 365 16.18 31.02 -13.27
CA ASP B 365 15.96 32.29 -12.56
C ASP B 365 14.85 32.21 -11.51
N SER B 366 13.71 31.64 -11.90
CA SER B 366 12.69 31.29 -10.92
C SER B 366 13.41 30.92 -9.63
N LEU B 367 14.43 30.11 -9.78
CA LEU B 367 15.18 29.61 -8.64
C LEU B 367 16.07 30.63 -7.98
N MET B 368 16.97 31.23 -8.76
CA MET B 368 18.03 32.08 -8.18
C MET B 368 17.47 33.20 -7.33
N GLN B 369 16.15 33.40 -7.36
CA GLN B 369 15.47 34.14 -6.29
C GLN B 369 15.04 33.16 -5.24
N LEU B 370 14.23 32.17 -5.64
CA LEU B 370 13.71 31.25 -4.65
C LEU B 370 14.81 30.95 -3.67
N ALA B 371 15.95 30.58 -4.23
CA ALA B 371 17.06 30.21 -3.40
C ALA B 371 17.34 31.25 -2.32
N ARG B 372 17.30 32.54 -2.66
CA ARG B 372 17.67 33.58 -1.66
C ARG B 372 16.68 33.66 -0.52
N GLN B 373 15.43 33.45 -0.86
CA GLN B 373 14.37 33.67 0.10
C GLN B 373 14.63 32.98 1.43
N VAL B 374 15.26 31.82 1.36
CA VAL B 374 15.54 31.03 2.58
C VAL B 374 16.58 31.70 3.48
N SER B 375 17.50 32.44 2.89
CA SER B 375 18.47 33.17 3.68
C SER B 375 17.79 34.09 4.65
N ARG B 376 16.62 34.58 4.27
CA ARG B 376 15.83 35.37 5.22
C ARG B 376 15.83 34.78 6.66
N LEU B 377 15.72 33.47 6.74
CA LEU B 377 15.50 32.76 7.99
C LEU B 377 16.78 32.60 8.82
N GLN C 81 -6.51 -37.41 -12.55
CA GLN C 81 -5.17 -37.63 -11.92
C GLN C 81 -4.53 -36.33 -11.44
N SER C 82 -3.28 -36.44 -10.98
CA SER C 82 -2.34 -35.31 -10.95
C SER C 82 -1.01 -35.75 -11.60
N LEU C 83 0.02 -34.94 -11.43
CA LEU C 83 1.32 -35.18 -12.08
C LEU C 83 2.33 -34.33 -11.34
N LEU C 84 3.53 -34.88 -11.21
CA LEU C 84 4.52 -34.39 -10.29
C LEU C 84 5.80 -34.08 -11.03
N ILE C 85 6.39 -32.91 -10.79
CA ILE C 85 7.62 -32.55 -11.50
C ILE C 85 8.77 -32.31 -10.56
N GLY C 86 9.92 -32.86 -10.91
CA GLY C 86 11.12 -32.69 -10.09
C GLY C 86 11.97 -31.54 -10.59
N VAL C 87 12.51 -30.78 -9.63
CA VAL C 87 13.41 -29.65 -9.95
C VAL C 87 14.73 -29.80 -9.20
N ALA C 88 15.85 -29.77 -9.91
CA ALA C 88 17.15 -29.83 -9.29
C ALA C 88 17.75 -28.42 -9.34
N THR C 89 18.27 -27.92 -8.23
CA THR C 89 18.78 -26.54 -8.21
C THR C 89 19.99 -26.34 -7.31
N SER C 90 20.81 -25.34 -7.64
CA SER C 90 22.03 -25.04 -6.89
C SER C 90 21.62 -24.83 -5.46
N SER C 91 22.33 -25.48 -4.54
CA SER C 91 21.94 -25.39 -3.14
C SER C 91 22.61 -24.19 -2.47
N LEU C 92 22.55 -23.07 -3.15
CA LEU C 92 23.48 -21.99 -2.90
C LEU C 92 22.82 -20.64 -2.65
N ALA C 93 21.52 -20.61 -2.41
CA ALA C 93 20.87 -19.41 -1.93
C ALA C 93 21.29 -18.09 -2.60
N LEU C 94 21.38 -18.11 -3.93
CA LEU C 94 21.47 -16.87 -4.71
C LEU C 94 20.06 -16.42 -5.06
N HIS C 95 19.94 -15.16 -5.46
CA HIS C 95 18.62 -14.58 -5.70
C HIS C 95 17.92 -15.13 -6.96
N ALA C 96 18.61 -15.13 -8.10
CA ALA C 96 17.94 -15.56 -9.33
C ALA C 96 17.44 -16.98 -9.20
N PRO C 97 18.31 -17.91 -8.83
CA PRO C 97 17.79 -19.26 -8.69
C PRO C 97 16.59 -19.35 -7.75
N SER C 98 16.61 -18.58 -6.67
CA SER C 98 15.46 -18.57 -5.77
C SER C 98 14.23 -18.12 -6.54
N GLN C 99 14.34 -17.00 -7.26
CA GLN C 99 13.20 -16.48 -8.03
C GLN C 99 12.69 -17.45 -9.09
N ILE C 100 13.64 -18.15 -9.71
CA ILE C 100 13.30 -19.07 -10.75
C ILE C 100 12.47 -20.20 -10.20
N VAL C 101 12.87 -20.68 -9.03
CA VAL C 101 12.15 -21.79 -8.41
C VAL C 101 10.76 -21.30 -7.94
N ALA C 102 10.67 -20.06 -7.50
CA ALA C 102 9.36 -19.52 -7.15
C ALA C 102 8.48 -19.52 -8.37
N ALA C 103 9.02 -18.96 -9.45
CA ALA C 103 8.34 -18.90 -10.77
C ALA C 103 7.82 -20.25 -11.28
N ILE C 104 8.61 -21.30 -11.10
CA ILE C 104 8.20 -22.64 -11.47
C ILE C 104 7.02 -23.13 -10.63
N LYS C 105 7.11 -22.94 -9.33
CA LYS C 105 6.04 -23.35 -8.44
C LYS C 105 4.79 -22.63 -8.88
N SER C 106 4.89 -21.30 -8.95
CA SER C 106 3.76 -20.44 -9.28
C SER C 106 2.95 -20.97 -10.46
N ARG C 107 3.64 -21.41 -11.51
CA ARG C 107 2.97 -21.94 -12.68
C ARG C 107 2.31 -23.27 -12.36
N ALA C 108 3.11 -24.23 -11.89
CA ALA C 108 2.59 -25.55 -11.56
C ALA C 108 1.35 -25.48 -10.69
N ASP C 109 1.31 -24.51 -9.78
CA ASP C 109 0.12 -24.28 -8.99
C ASP C 109 -1.07 -24.08 -9.90
N GLN C 110 -0.95 -23.14 -10.84
CA GLN C 110 -2.04 -22.86 -11.77
C GLN C 110 -2.46 -24.09 -12.58
N LEU C 111 -1.55 -25.00 -12.85
CA LEU C 111 -1.89 -26.19 -13.62
C LEU C 111 -2.26 -27.35 -12.74
N GLY C 112 -2.14 -27.19 -11.43
CA GLY C 112 -2.44 -28.27 -10.48
C GLY C 112 -1.40 -29.39 -10.48
N ALA C 113 -0.22 -29.11 -11.00
CA ALA C 113 0.88 -30.05 -10.92
C ALA C 113 1.64 -29.76 -9.66
N SER C 114 2.05 -30.81 -8.97
CA SER C 114 2.84 -30.64 -7.76
C SER C 114 4.32 -30.58 -8.13
N VAL C 115 5.09 -29.96 -7.24
CA VAL C 115 6.53 -29.85 -7.41
C VAL C 115 7.30 -30.28 -6.18
N VAL C 116 8.41 -30.96 -6.44
CA VAL C 116 9.36 -31.37 -5.43
C VAL C 116 10.74 -30.86 -5.87
N VAL C 117 11.58 -30.48 -4.91
CA VAL C 117 12.90 -29.95 -5.22
C VAL C 117 14.00 -30.74 -4.54
N SER C 118 15.04 -31.09 -5.29
CA SER C 118 16.27 -31.64 -4.72
C SER C 118 17.33 -30.57 -4.96
N MET C 119 18.41 -30.54 -4.19
CA MET C 119 19.39 -29.48 -4.34
C MET C 119 20.79 -30.00 -4.53
N VAL C 120 21.58 -29.23 -5.26
CA VAL C 120 22.83 -29.71 -5.79
C VAL C 120 24.01 -29.05 -5.11
N GLU C 121 24.79 -29.90 -4.48
CA GLU C 121 25.84 -29.47 -3.57
C GLU C 121 27.07 -28.93 -4.30
N ARG C 122 26.90 -27.80 -4.99
CA ARG C 122 27.98 -27.25 -5.83
C ARG C 122 28.62 -28.44 -6.58
N SER C 123 29.95 -28.54 -6.58
CA SER C 123 30.63 -29.79 -7.00
C SER C 123 30.34 -30.34 -8.42
N GLY C 124 29.81 -29.51 -9.33
CA GLY C 124 29.66 -29.91 -10.73
C GLY C 124 28.73 -31.08 -11.04
N VAL C 125 29.20 -32.02 -11.86
CA VAL C 125 28.32 -32.99 -12.55
C VAL C 125 27.89 -34.23 -11.78
N GLU C 126 28.78 -34.78 -10.96
CA GLU C 126 28.46 -35.95 -10.11
C GLU C 126 27.40 -35.59 -9.07
N ALA C 127 27.52 -34.38 -8.53
CA ALA C 127 26.55 -33.79 -7.61
C ALA C 127 25.17 -33.82 -8.23
N CYS C 128 25.08 -33.34 -9.46
CA CYS C 128 23.81 -33.26 -10.15
C CYS C 128 23.25 -34.63 -10.47
N LYS C 129 24.12 -35.52 -10.94
CA LYS C 129 23.72 -36.89 -11.23
C LYS C 129 22.98 -37.53 -10.04
N ALA C 130 23.43 -37.18 -8.84
CA ALA C 130 22.85 -37.71 -7.59
C ALA C 130 21.48 -37.10 -7.32
N ALA C 131 21.43 -35.77 -7.42
CA ALA C 131 20.19 -35.00 -7.27
C ALA C 131 19.10 -35.62 -8.11
N VAL C 132 19.43 -35.90 -9.35
CA VAL C 132 18.50 -36.54 -10.27
C VAL C 132 17.98 -37.86 -9.70
N HIS C 133 18.88 -38.72 -9.26
CA HIS C 133 18.49 -40.05 -8.78
C HIS C 133 17.47 -40.02 -7.65
N ASN C 134 17.51 -39.00 -6.79
CA ASN C 134 16.48 -38.81 -5.78
C ASN C 134 15.15 -38.51 -6.41
N LEU C 135 15.15 -37.47 -7.26
CA LEU C 135 13.95 -37.05 -7.95
C LEU C 135 13.30 -38.22 -8.69
N LEU C 136 14.11 -39.04 -9.34
CA LEU C 136 13.59 -40.24 -9.97
C LEU C 136 12.97 -41.18 -8.93
N ALA C 137 13.71 -41.45 -7.86
CA ALA C 137 13.19 -42.31 -6.79
C ALA C 137 11.84 -41.81 -6.30
N GLN C 138 11.68 -40.49 -6.26
CA GLN C 138 10.43 -39.82 -5.92
C GLN C 138 9.22 -40.11 -6.83
N ARG C 139 9.42 -40.88 -7.91
CA ARG C 139 8.33 -41.29 -8.77
C ARG C 139 7.73 -40.09 -9.53
N VAL C 140 8.59 -39.13 -9.89
CA VAL C 140 8.19 -37.93 -10.64
C VAL C 140 7.70 -38.29 -12.04
N SER C 141 7.12 -37.30 -12.73
CA SER C 141 6.72 -37.46 -14.13
C SER C 141 7.57 -36.60 -15.12
N GLY C 142 8.56 -35.86 -14.62
CA GLY C 142 9.39 -35.00 -15.46
C GLY C 142 10.40 -34.18 -14.66
N LEU C 143 11.46 -33.75 -15.33
CA LEU C 143 12.56 -33.04 -14.65
C LEU C 143 12.86 -31.67 -15.22
N ILE C 144 13.20 -30.73 -14.34
CA ILE C 144 13.68 -29.43 -14.75
C ILE C 144 15.00 -29.19 -14.06
N ILE C 145 16.08 -29.13 -14.83
CA ILE C 145 17.41 -29.03 -14.28
C ILE C 145 17.82 -27.56 -14.18
N ASN C 146 17.71 -26.98 -12.99
CA ASN C 146 18.07 -25.60 -12.79
C ASN C 146 19.42 -25.47 -12.10
N TYR C 147 20.46 -25.86 -12.83
CA TYR C 147 21.83 -25.86 -12.33
C TYR C 147 22.67 -25.63 -13.55
N PRO C 148 23.77 -24.90 -13.44
CA PRO C 148 24.53 -24.57 -14.64
C PRO C 148 25.56 -25.65 -14.97
N LEU C 149 25.44 -26.25 -16.15
CA LEU C 149 26.28 -27.36 -16.57
C LEU C 149 27.01 -27.13 -17.91
N ASP C 150 28.24 -27.63 -18.02
CA ASP C 150 29.00 -27.68 -19.29
C ASP C 150 28.23 -28.53 -20.26
N ASP C 151 28.45 -28.32 -21.57
CA ASP C 151 27.75 -29.12 -22.61
C ASP C 151 28.00 -30.59 -22.40
N GLN C 152 29.24 -30.91 -22.09
CA GLN C 152 29.63 -32.27 -21.81
C GLN C 152 28.91 -32.83 -20.56
N ASP C 153 28.89 -32.05 -19.48
CA ASP C 153 28.23 -32.46 -18.22
C ASP C 153 26.73 -32.68 -18.38
N ALA C 154 26.07 -31.80 -19.14
CA ALA C 154 24.62 -31.89 -19.37
C ALA C 154 24.23 -33.22 -19.98
N ILE C 155 24.96 -33.60 -21.01
CA ILE C 155 24.68 -34.84 -21.74
C ILE C 155 24.76 -36.06 -20.83
N ALA C 156 25.70 -35.98 -19.90
CA ALA C 156 25.88 -37.00 -18.89
C ALA C 156 24.63 -37.07 -18.03
N VAL C 157 24.20 -35.89 -17.59
CA VAL C 157 23.05 -35.78 -16.72
C VAL C 157 21.80 -36.22 -17.44
N GLU C 158 21.67 -35.83 -18.69
CA GLU C 158 20.59 -36.32 -19.50
C GLU C 158 20.56 -37.86 -19.47
N ALA C 159 21.73 -38.48 -19.60
CA ALA C 159 21.84 -39.95 -19.57
C ALA C 159 21.12 -40.57 -18.37
N ALA C 160 21.28 -39.94 -17.20
CA ALA C 160 20.70 -40.45 -15.95
C ALA C 160 19.17 -40.52 -15.98
N CYS C 161 18.55 -39.58 -16.69
CA CYS C 161 17.09 -39.52 -16.77
C CYS C 161 16.57 -40.67 -17.62
N THR C 162 16.56 -41.83 -16.98
CA THR C 162 16.16 -43.06 -17.63
C THR C 162 14.67 -43.01 -17.95
N ASN C 163 14.36 -42.71 -19.21
CA ASN C 163 12.98 -42.66 -19.71
C ASN C 163 12.16 -41.46 -19.24
N VAL C 164 12.80 -40.46 -18.63
CA VAL C 164 12.03 -39.39 -18.03
C VAL C 164 12.29 -38.07 -18.73
N PRO C 165 11.22 -37.43 -19.25
CA PRO C 165 11.37 -36.13 -19.91
C PRO C 165 12.16 -35.14 -19.06
N ALA C 166 13.25 -34.61 -19.60
CA ALA C 166 14.13 -33.70 -18.84
C ALA C 166 14.42 -32.40 -19.58
N LEU C 167 14.18 -31.28 -18.94
CA LEU C 167 14.31 -29.99 -19.58
C LEU C 167 15.34 -29.13 -18.85
N PHE C 168 16.43 -28.80 -19.53
CA PHE C 168 17.55 -28.08 -18.90
C PHE C 168 17.43 -26.56 -19.03
N LEU C 169 17.75 -25.84 -17.95
CA LEU C 169 17.83 -24.37 -17.99
C LEU C 169 19.27 -23.92 -18.02
N THR C 170 20.12 -24.75 -18.62
CA THR C 170 21.40 -24.32 -19.17
C THR C 170 21.46 -24.76 -20.60
N ALA C 171 22.36 -24.14 -21.34
CA ALA C 171 22.76 -24.62 -22.65
C ALA C 171 24.00 -23.82 -23.05
N SER C 172 24.58 -24.14 -24.19
CA SER C 172 25.73 -23.41 -24.70
C SER C 172 25.80 -23.63 -26.21
N ASP C 173 26.95 -23.38 -26.80
CA ASP C 173 27.16 -23.55 -28.24
C ASP C 173 26.34 -24.66 -28.94
N GLN C 174 26.65 -25.95 -28.70
CA GLN C 174 26.14 -27.02 -29.55
C GLN C 174 25.07 -27.92 -28.94
N THR C 175 24.34 -27.46 -27.92
CA THR C 175 23.51 -28.37 -27.12
C THR C 175 22.43 -29.13 -27.94
N PRO C 176 22.56 -30.48 -28.05
CA PRO C 176 21.52 -31.29 -28.70
C PRO C 176 20.44 -31.80 -27.71
N LEU C 177 20.26 -31.06 -26.61
CA LEU C 177 19.31 -31.39 -25.53
C LEU C 177 18.18 -30.39 -25.47
N ASN C 178 17.11 -30.76 -24.76
CA ASN C 178 16.00 -29.85 -24.50
C ASN C 178 16.40 -28.78 -23.51
N SER C 179 16.33 -27.52 -23.94
CA SER C 179 16.68 -26.41 -23.08
C SER C 179 15.80 -25.20 -23.26
N ILE C 180 15.79 -24.34 -22.25
CA ILE C 180 15.32 -22.97 -22.38
C ILE C 180 16.29 -22.12 -21.63
N ILE C 181 16.90 -21.17 -22.32
CA ILE C 181 17.70 -20.17 -21.65
C ILE C 181 17.43 -18.82 -22.29
N PHE C 182 17.83 -17.76 -21.61
CA PHE C 182 17.71 -16.43 -22.15
C PHE C 182 18.78 -16.20 -23.17
N SER C 183 18.50 -15.33 -24.13
CA SER C 183 19.53 -14.88 -25.03
C SER C 183 20.58 -14.15 -24.23
N HIS C 184 21.78 -14.72 -24.24
CA HIS C 184 22.92 -14.05 -23.65
C HIS C 184 23.47 -13.08 -24.70
N GLU C 185 23.36 -13.49 -25.96
CA GLU C 185 23.78 -12.65 -27.08
C GLU C 185 23.12 -11.28 -27.05
N ASP C 186 21.86 -11.24 -26.61
CA ASP C 186 21.14 -9.97 -26.48
C ASP C 186 21.59 -9.20 -25.26
N GLY C 187 21.49 -9.83 -24.10
CA GLY C 187 21.84 -9.18 -22.84
C GLY C 187 23.20 -8.51 -22.86
N THR C 188 24.16 -9.11 -23.55
CA THR C 188 25.48 -8.52 -23.62
C THR C 188 25.48 -7.36 -24.62
N ARG C 189 24.86 -7.57 -25.79
CA ARG C 189 24.77 -6.50 -26.78
C ARG C 189 24.12 -5.28 -26.14
N LEU C 190 22.91 -5.47 -25.62
CA LEU C 190 22.16 -4.38 -25.01
C LEU C 190 23.01 -3.56 -24.05
N GLY C 191 23.63 -4.24 -23.10
CA GLY C 191 24.49 -3.58 -22.13
C GLY C 191 25.54 -2.75 -22.83
N VAL C 192 26.30 -3.40 -23.69
CA VAL C 192 27.40 -2.74 -24.36
C VAL C 192 26.87 -1.56 -25.20
N GLU C 193 25.84 -1.81 -26.00
CA GLU C 193 25.23 -0.75 -26.80
C GLU C 193 24.72 0.40 -25.93
N HIS C 194 24.12 0.10 -24.80
CA HIS C 194 23.68 1.16 -23.92
C HIS C 194 24.84 2.06 -23.50
N LEU C 195 25.92 1.46 -23.05
CA LEU C 195 27.06 2.22 -22.53
C LEU C 195 27.78 2.97 -23.62
N VAL C 196 27.98 2.28 -24.75
CA VAL C 196 28.69 2.87 -25.86
C VAL C 196 27.96 4.08 -26.36
N ALA C 197 26.64 3.99 -26.40
CA ALA C 197 25.77 5.10 -26.82
C ALA C 197 25.90 6.29 -25.89
N LEU C 198 26.01 6.05 -24.59
CA LEU C 198 26.27 7.12 -23.63
C LEU C 198 27.67 7.71 -23.77
N GLY C 199 28.56 7.01 -24.45
CA GLY C 199 29.84 7.57 -24.84
C GLY C 199 31.01 7.09 -24.02
N HIS C 200 30.81 5.98 -23.29
CA HIS C 200 31.87 5.44 -22.47
C HIS C 200 32.84 4.70 -23.34
N GLN C 201 34.12 4.88 -23.08
CA GLN C 201 35.18 4.15 -23.78
C GLN C 201 36.03 3.32 -22.82
N GLN C 202 36.38 3.91 -21.68
CA GLN C 202 37.10 3.18 -20.62
C GLN C 202 36.11 2.31 -19.85
N ILE C 203 35.89 1.08 -20.33
CA ILE C 203 34.93 0.17 -19.73
C ILE C 203 35.60 -1.06 -19.10
N ALA C 204 35.00 -1.56 -18.03
CA ALA C 204 35.51 -2.72 -17.31
C ALA C 204 34.45 -3.79 -17.10
N LEU C 205 34.91 -5.04 -17.01
CA LEU C 205 34.02 -6.20 -16.90
C LEU C 205 34.17 -6.94 -15.57
N LEU C 206 33.05 -7.44 -15.08
CA LEU C 206 33.02 -8.12 -13.82
C LEU C 206 32.16 -9.33 -14.03
N ALA C 207 32.85 -10.44 -14.26
CA ALA C 207 32.21 -11.70 -14.65
C ALA C 207 31.84 -12.47 -13.44
N GLY C 208 30.94 -13.43 -13.67
CA GLY C 208 30.67 -14.43 -12.68
C GLY C 208 31.85 -15.37 -12.65
N PRO C 209 31.78 -16.36 -11.78
CA PRO C 209 32.83 -17.35 -11.71
C PRO C 209 32.91 -18.14 -13.02
N LEU C 210 34.06 -18.07 -13.67
CA LEU C 210 34.20 -18.59 -15.03
C LEU C 210 34.16 -20.10 -15.12
N SER C 211 34.33 -20.76 -13.98
CA SER C 211 34.02 -22.18 -13.89
C SER C 211 32.56 -22.40 -14.29
N SER C 212 31.69 -21.46 -13.95
CA SER C 212 30.31 -21.52 -14.41
C SER C 212 30.22 -21.06 -15.86
N VAL C 213 29.46 -21.80 -16.66
CA VAL C 213 29.25 -21.51 -18.10
C VAL C 213 28.34 -20.30 -18.37
N ASP C 214 27.42 -20.02 -17.45
CA ASP C 214 26.71 -18.75 -17.41
C ASP C 214 27.70 -17.67 -17.70
N ALA C 215 28.65 -17.56 -16.77
CA ALA C 215 29.54 -16.42 -16.66
C ALA C 215 30.41 -16.37 -17.88
N ARG C 216 30.84 -17.53 -18.32
CA ARG C 216 31.69 -17.61 -19.49
C ARG C 216 31.04 -17.01 -20.71
N LEU C 217 29.81 -17.39 -20.97
CA LEU C 217 29.12 -16.86 -22.14
C LEU C 217 28.96 -15.34 -22.03
N ARG C 218 28.44 -14.88 -20.91
CA ARG C 218 28.19 -13.49 -20.77
C ARG C 218 29.48 -12.70 -20.97
N LEU C 219 30.58 -13.18 -20.42
CA LEU C 219 31.85 -12.52 -20.63
C LEU C 219 32.23 -12.49 -22.12
N ALA C 220 32.05 -13.59 -22.82
CA ALA C 220 32.35 -13.66 -24.26
C ALA C 220 31.54 -12.63 -25.03
N GLY C 221 30.23 -12.63 -24.76
CA GLY C 221 29.32 -11.64 -25.32
C GLY C 221 29.86 -10.23 -25.21
N TRP C 222 30.08 -9.78 -23.99
CA TRP C 222 30.64 -8.46 -23.78
C TRP C 222 31.84 -8.28 -24.69
N HIS C 223 32.85 -9.14 -24.54
CA HIS C 223 34.05 -9.02 -25.35
C HIS C 223 33.71 -8.80 -26.81
N LYS C 224 32.79 -9.62 -27.32
CA LYS C 224 32.40 -9.57 -28.72
C LYS C 224 31.89 -8.20 -29.07
N TYR C 225 30.86 -7.73 -28.36
CA TYR C 225 30.21 -6.49 -28.75
C TYR C 225 31.08 -5.26 -28.51
N LEU C 226 31.93 -5.31 -27.49
CA LEU C 226 32.92 -4.25 -27.33
C LEU C 226 33.89 -4.23 -28.49
N THR C 227 34.47 -5.40 -28.77
CA THR C 227 35.35 -5.57 -29.91
C THR C 227 34.66 -5.03 -31.16
N ARG C 228 33.37 -5.35 -31.28
CA ARG C 228 32.57 -4.91 -32.40
C ARG C 228 32.31 -3.40 -32.42
N ASN C 229 32.62 -2.73 -31.33
CA ASN C 229 32.51 -1.29 -31.26
C ASN C 229 33.89 -0.68 -31.05
N GLN C 230 34.90 -1.32 -31.62
CA GLN C 230 36.29 -0.85 -31.54
C GLN C 230 36.79 -0.50 -30.15
N ILE C 231 36.22 -1.13 -29.14
CA ILE C 231 36.70 -0.96 -27.78
C ILE C 231 37.17 -2.30 -27.26
N GLN C 232 38.35 -2.32 -26.67
CA GLN C 232 38.76 -3.46 -25.86
C GLN C 232 38.70 -3.02 -24.38
N PRO C 233 38.12 -3.86 -23.51
CA PRO C 233 37.84 -3.43 -22.14
C PRO C 233 39.13 -3.08 -21.42
N ILE C 234 39.08 -2.08 -20.53
CA ILE C 234 40.29 -1.66 -19.81
C ILE C 234 40.70 -2.61 -18.68
N ALA C 235 39.78 -3.47 -18.25
CA ALA C 235 40.07 -4.42 -17.18
C ALA C 235 38.92 -5.36 -17.00
N GLU C 236 39.22 -6.63 -16.80
CA GLU C 236 38.18 -7.56 -16.49
C GLU C 236 38.54 -8.29 -15.22
N ARG C 237 37.50 -8.78 -14.56
CA ARG C 237 37.64 -9.41 -13.28
C ARG C 237 36.48 -10.36 -13.04
N GLU C 238 36.71 -11.32 -12.16
CA GLU C 238 35.82 -12.43 -11.97
C GLU C 238 35.39 -12.43 -10.52
N GLY C 239 34.08 -12.55 -10.30
CA GLY C 239 33.54 -12.74 -8.97
C GLY C 239 32.96 -14.12 -8.85
N ASP C 240 32.05 -14.29 -7.90
CA ASP C 240 31.45 -15.58 -7.64
C ASP C 240 29.93 -15.47 -7.48
N TRP C 241 29.36 -14.37 -7.99
CA TRP C 241 27.91 -14.07 -7.87
C TRP C 241 27.55 -13.32 -6.59
N SER C 242 28.41 -13.36 -5.59
CA SER C 242 28.07 -12.77 -4.33
C SER C 242 28.21 -11.28 -4.40
N ALA C 243 27.46 -10.60 -3.54
CA ALA C 243 27.59 -9.17 -3.45
C ALA C 243 28.99 -8.81 -2.97
N MET C 244 29.46 -9.55 -1.97
CA MET C 244 30.75 -9.25 -1.38
C MET C 244 31.91 -9.44 -2.36
N SER C 245 31.81 -10.41 -3.27
CA SER C 245 32.85 -10.61 -4.26
C SER C 245 32.83 -9.47 -5.25
N GLY C 246 31.66 -8.91 -5.47
CA GLY C 246 31.55 -7.71 -6.27
C GLY C 246 32.39 -6.58 -5.68
N PHE C 247 32.19 -6.34 -4.40
CA PHE C 247 32.92 -5.31 -3.70
C PHE C 247 34.46 -5.53 -3.76
N GLN C 248 34.89 -6.75 -3.46
CA GLN C 248 36.32 -7.03 -3.34
C GLN C 248 37.04 -6.84 -4.64
N GLN C 249 36.41 -7.26 -5.73
CA GLN C 249 37.06 -7.09 -7.01
C GLN C 249 37.07 -5.63 -7.40
N THR C 250 35.96 -4.97 -7.22
CA THR C 250 35.91 -3.59 -7.61
C THR C 250 36.89 -2.74 -6.79
N MET C 251 37.06 -3.05 -5.50
CA MET C 251 38.07 -2.34 -4.70
C MET C 251 39.47 -2.65 -5.20
N GLN C 252 39.76 -3.94 -5.37
CA GLN C 252 41.08 -4.36 -5.82
C GLN C 252 41.46 -3.62 -7.08
N MET C 253 40.51 -3.50 -7.98
CA MET C 253 40.72 -2.82 -9.26
C MET C 253 40.98 -1.34 -9.08
N LEU C 254 40.15 -0.68 -8.29
CA LEU C 254 40.28 0.74 -8.07
C LEU C 254 41.58 1.05 -7.34
N ASN C 255 41.93 0.20 -6.37
CA ASN C 255 43.17 0.39 -5.59
C ASN C 255 44.43 0.12 -6.38
N GLU C 256 44.28 -0.59 -7.50
CA GLU C 256 45.35 -0.68 -8.50
C GLU C 256 45.45 0.59 -9.34
N GLY C 257 44.48 1.49 -9.22
CA GLY C 257 44.50 2.74 -9.98
C GLY C 257 43.93 2.60 -11.37
N ILE C 258 43.29 1.46 -11.64
CA ILE C 258 42.49 1.30 -12.85
C ILE C 258 41.12 1.87 -12.50
N VAL C 259 40.70 2.87 -13.24
CA VAL C 259 39.44 3.53 -12.96
C VAL C 259 38.63 3.73 -14.22
N PRO C 260 37.69 2.82 -14.48
CA PRO C 260 36.84 2.93 -15.63
C PRO C 260 35.82 4.02 -15.43
N THR C 261 35.07 4.29 -16.49
CA THR C 261 33.95 5.19 -16.42
C THR C 261 32.69 4.34 -16.38
N ALA C 262 32.83 3.07 -16.67
CA ALA C 262 31.67 2.19 -16.71
C ALA C 262 32.06 0.76 -16.42
N MET C 263 31.11 0.05 -15.81
CA MET C 263 31.30 -1.34 -15.52
C MET C 263 30.12 -2.16 -16.00
N LEU C 264 30.43 -3.22 -16.74
CA LEU C 264 29.45 -4.24 -17.02
C LEU C 264 29.63 -5.31 -15.96
N VAL C 265 28.56 -5.61 -15.22
CA VAL C 265 28.59 -6.61 -14.15
C VAL C 265 27.63 -7.77 -14.44
N ALA C 266 28.07 -8.98 -14.11
CA ALA C 266 27.45 -10.20 -14.56
C ALA C 266 26.23 -10.67 -13.78
N ASN C 267 25.93 -10.05 -12.65
CA ASN C 267 24.66 -10.27 -11.97
C ASN C 267 24.37 -9.16 -10.95
N ASP C 268 23.12 -9.01 -10.54
CA ASP C 268 22.76 -7.84 -9.75
C ASP C 268 23.36 -7.79 -8.33
N GLN C 269 23.73 -8.94 -7.77
CA GLN C 269 24.33 -8.92 -6.44
C GLN C 269 25.76 -8.38 -6.51
N MET C 270 26.55 -8.88 -7.46
CA MET C 270 27.91 -8.41 -7.65
C MET C 270 27.89 -6.93 -7.93
N ALA C 271 26.92 -6.46 -8.71
CA ALA C 271 26.78 -5.01 -8.93
C ALA C 271 26.67 -4.22 -7.61
N LEU C 272 25.77 -4.65 -6.74
CA LEU C 272 25.58 -4.02 -5.46
C LEU C 272 26.91 -3.82 -4.76
N GLY C 273 27.71 -4.88 -4.72
CA GLY C 273 29.02 -4.80 -4.10
C GLY C 273 29.94 -3.84 -4.80
N ALA C 274 29.94 -3.91 -6.12
CA ALA C 274 30.75 -2.99 -6.90
C ALA C 274 30.30 -1.56 -6.62
N MET C 275 29.00 -1.36 -6.49
CA MET C 275 28.50 -0.03 -6.25
C MET C 275 29.05 0.51 -4.95
N ARG C 276 29.05 -0.30 -3.90
CA ARG C 276 29.60 0.15 -2.62
C ARG C 276 31.08 0.49 -2.77
N ALA C 277 31.81 -0.39 -3.45
CA ALA C 277 33.23 -0.18 -3.64
C ALA C 277 33.49 1.20 -4.26
N ILE C 278 32.79 1.47 -5.37
CA ILE C 278 32.85 2.76 -6.03
C ILE C 278 32.61 3.88 -5.03
N THR C 279 31.48 3.77 -4.34
CA THR C 279 31.00 4.80 -3.46
C THR C 279 32.02 5.07 -2.38
N GLU C 280 32.50 4.01 -1.73
CA GLU C 280 33.42 4.18 -0.62
C GLU C 280 34.75 4.68 -1.11
N SER C 281 35.04 4.42 -2.39
CA SER C 281 36.22 4.99 -3.03
C SER C 281 36.07 6.47 -3.36
N GLY C 282 35.10 7.14 -2.74
CA GLY C 282 34.90 8.57 -2.92
C GLY C 282 34.32 8.94 -4.27
N LEU C 283 33.77 7.97 -4.99
CA LEU C 283 33.26 8.22 -6.34
C LEU C 283 31.76 8.01 -6.36
N ARG C 284 31.14 8.51 -7.43
CA ARG C 284 29.70 8.45 -7.53
C ARG C 284 29.30 7.48 -8.58
N VAL C 285 28.35 6.63 -8.24
CA VAL C 285 27.80 5.68 -9.19
C VAL C 285 27.00 6.49 -10.19
N GLY C 286 27.06 6.06 -11.45
CA GLY C 286 26.49 6.80 -12.57
C GLY C 286 27.40 7.94 -12.97
N ALA C 287 27.28 9.05 -12.23
CA ALA C 287 28.04 10.26 -12.50
C ALA C 287 29.52 10.02 -12.85
N ASP C 288 30.22 9.24 -12.01
CA ASP C 288 31.65 8.98 -12.20
C ASP C 288 31.91 7.64 -12.88
N ILE C 289 31.40 6.57 -12.26
CA ILE C 289 31.47 5.24 -12.82
C ILE C 289 30.05 4.69 -13.00
N SER C 290 29.62 4.54 -14.24
CA SER C 290 28.31 3.97 -14.50
C SER C 290 28.44 2.49 -14.29
N VAL C 291 27.32 1.87 -13.92
CA VAL C 291 27.26 0.42 -13.66
C VAL C 291 26.02 -0.21 -14.26
N VAL C 292 26.18 -1.41 -14.85
CA VAL C 292 25.05 -2.10 -15.45
C VAL C 292 24.99 -3.53 -15.02
N GLY C 293 23.86 -3.89 -14.41
CA GLY C 293 23.68 -5.20 -13.82
C GLY C 293 23.35 -6.27 -14.83
N TYR C 294 22.83 -7.38 -14.33
CA TYR C 294 22.37 -8.49 -15.17
C TYR C 294 21.45 -9.39 -14.35
N ASP C 295 20.15 -9.29 -14.59
CA ASP C 295 19.11 -10.19 -14.04
C ASP C 295 17.82 -9.41 -13.75
N ASP C 296 17.99 -8.20 -13.22
CA ASP C 296 16.88 -7.48 -12.57
C ASP C 296 16.13 -8.40 -11.64
N THR C 297 16.83 -8.76 -10.56
CA THR C 297 16.26 -9.46 -9.44
C THR C 297 15.51 -8.43 -8.61
N GLU C 298 14.67 -8.91 -7.70
CA GLU C 298 13.73 -8.05 -6.97
C GLU C 298 14.37 -6.86 -6.30
N ASP C 299 15.38 -7.11 -5.49
CA ASP C 299 16.00 -6.05 -4.70
C ASP C 299 16.50 -4.87 -5.54
N SER C 300 16.90 -5.12 -6.79
CA SER C 300 17.67 -4.16 -7.60
C SER C 300 17.00 -2.83 -7.82
N SER C 301 15.71 -2.86 -8.11
CA SER C 301 14.96 -1.59 -8.20
C SER C 301 15.14 -0.66 -7.00
N CYS C 302 15.60 -1.19 -5.86
CA CYS C 302 15.82 -0.41 -4.63
C CYS C 302 17.29 -0.26 -4.21
N TYR C 303 18.24 -0.63 -5.07
CA TYR C 303 19.64 -0.36 -4.75
C TYR C 303 19.77 1.15 -4.73
N ILE C 304 20.80 1.66 -4.09
CA ILE C 304 20.95 3.11 -3.95
C ILE C 304 22.19 3.47 -4.75
N PRO C 305 22.03 4.04 -5.95
CA PRO C 305 20.81 4.37 -6.66
C PRO C 305 20.23 3.20 -7.44
N PRO C 306 18.93 3.24 -7.76
CA PRO C 306 18.29 2.11 -8.44
C PRO C 306 19.08 1.66 -9.64
N LEU C 307 19.34 0.36 -9.69
CA LEU C 307 20.33 -0.18 -10.62
C LEU C 307 19.77 -0.34 -12.02
N THR C 308 20.54 0.12 -12.99
CA THR C 308 20.26 -0.14 -14.37
C THR C 308 20.77 -1.53 -14.66
N THR C 309 19.95 -2.37 -15.28
CA THR C 309 20.32 -3.77 -15.48
C THR C 309 19.53 -4.47 -16.57
N ILE C 310 20.03 -5.64 -16.97
CA ILE C 310 19.40 -6.45 -18.00
C ILE C 310 18.33 -7.29 -17.36
N LYS C 311 17.08 -7.03 -17.68
CA LYS C 311 16.02 -7.85 -17.14
C LYS C 311 15.98 -9.19 -17.85
N GLN C 312 16.07 -10.25 -17.06
CA GLN C 312 15.66 -11.58 -17.48
C GLN C 312 14.38 -11.88 -16.69
N ASP C 313 13.31 -12.22 -17.39
CA ASP C 313 12.02 -12.43 -16.74
C ASP C 313 11.89 -13.84 -16.26
N PHE C 314 12.22 -14.07 -14.99
CA PHE C 314 12.20 -15.43 -14.44
C PHE C 314 10.77 -15.92 -14.30
N ARG C 315 9.85 -15.01 -13.96
CA ARG C 315 8.40 -15.31 -13.92
C ARG C 315 8.06 -16.08 -15.20
N LEU C 316 8.52 -15.52 -16.32
CA LEU C 316 8.34 -16.12 -17.63
C LEU C 316 9.00 -17.48 -17.77
N LEU C 317 10.31 -17.52 -17.58
CA LEU C 317 11.07 -18.77 -17.68
C LEU C 317 10.42 -19.93 -16.90
N GLY C 318 9.94 -19.64 -15.70
CA GLY C 318 9.15 -20.63 -14.96
C GLY C 318 7.95 -21.14 -15.74
N GLN C 319 7.05 -20.21 -16.02
CA GLN C 319 5.86 -20.51 -16.81
C GLN C 319 6.19 -21.31 -18.08
N THR C 320 7.12 -20.78 -18.86
CA THR C 320 7.55 -21.42 -20.08
C THR C 320 7.94 -22.86 -19.86
N SER C 321 8.93 -23.06 -19.01
CA SER C 321 9.56 -24.36 -18.87
C SER C 321 8.60 -25.42 -18.39
N VAL C 322 7.74 -25.07 -17.44
CA VAL C 322 6.73 -26.03 -16.96
C VAL C 322 5.84 -26.49 -18.10
N ASP C 323 5.30 -25.53 -18.83
CA ASP C 323 4.45 -25.86 -19.97
C ASP C 323 5.22 -26.70 -20.97
N ARG C 324 6.43 -26.28 -21.28
CA ARG C 324 7.26 -27.05 -22.20
C ARG C 324 7.44 -28.47 -21.69
N LEU C 325 7.74 -28.61 -20.40
CA LEU C 325 7.98 -29.93 -19.85
C LEU C 325 6.76 -30.82 -19.94
N LEU C 326 5.58 -30.23 -19.79
CA LEU C 326 4.33 -31.00 -19.83
C LEU C 326 4.03 -31.45 -21.25
N GLN C 327 4.26 -30.58 -22.22
CA GLN C 327 4.27 -30.98 -23.61
C GLN C 327 5.19 -32.17 -23.77
N LEU C 328 6.43 -32.03 -23.31
CA LEU C 328 7.43 -33.09 -23.45
C LEU C 328 6.95 -34.44 -22.96
N SER C 329 6.32 -34.48 -21.78
CA SER C 329 5.83 -35.74 -21.20
C SER C 329 4.65 -36.32 -21.99
N GLN C 330 4.05 -35.49 -22.85
CA GLN C 330 3.04 -35.96 -23.83
C GLN C 330 3.64 -36.35 -25.20
N GLY C 331 4.96 -36.40 -25.30
CA GLY C 331 5.66 -36.89 -26.49
C GLY C 331 5.44 -36.03 -27.71
N GLN C 332 5.46 -34.71 -27.53
CA GLN C 332 5.19 -33.78 -28.60
C GLN C 332 5.68 -32.39 -28.24
N ALA C 333 6.93 -32.10 -28.56
CA ALA C 333 7.50 -30.81 -28.19
C ALA C 333 8.54 -30.37 -29.18
N VAL C 334 8.96 -29.12 -29.02
CA VAL C 334 10.08 -28.58 -29.78
C VAL C 334 11.37 -29.17 -29.19
N LYS C 335 11.50 -30.50 -29.29
CA LYS C 335 12.66 -31.20 -28.77
C LYS C 335 13.93 -30.50 -29.25
N GLY C 336 14.55 -29.69 -28.40
CA GLY C 336 15.75 -28.95 -28.75
C GLY C 336 15.96 -27.69 -27.94
N ASN C 337 16.94 -26.88 -28.35
CA ASN C 337 17.26 -25.60 -27.70
C ASN C 337 16.14 -24.58 -27.93
N GLN C 338 15.86 -23.74 -26.94
CA GLN C 338 14.92 -22.64 -27.11
C GLN C 338 15.43 -21.40 -26.36
N LEU C 339 15.11 -20.23 -26.90
CA LEU C 339 15.61 -18.98 -26.35
C LEU C 339 14.51 -18.03 -25.93
N LEU C 340 14.78 -17.31 -24.85
CA LEU C 340 13.88 -16.29 -24.35
C LEU C 340 14.56 -14.95 -24.51
N PRO C 341 13.78 -13.89 -24.73
CA PRO C 341 14.31 -12.54 -24.84
C PRO C 341 14.70 -11.89 -23.50
N VAL C 342 15.50 -10.84 -23.58
CA VAL C 342 15.80 -10.05 -22.42
C VAL C 342 15.47 -8.62 -22.75
N SER C 343 15.64 -7.72 -21.78
CA SER C 343 15.39 -6.30 -21.96
C SER C 343 16.30 -5.46 -21.06
N LEU C 344 16.62 -4.26 -21.51
CA LEU C 344 17.36 -3.31 -20.69
C LEU C 344 16.36 -2.59 -19.81
N VAL C 345 16.76 -2.30 -18.58
CA VAL C 345 15.94 -1.52 -17.68
C VAL C 345 16.80 -0.37 -17.21
N LYS C 346 16.51 0.80 -17.78
CA LYS C 346 17.29 2.02 -17.55
C LYS C 346 16.79 2.60 -16.22
N ARG C 347 17.65 2.60 -15.19
CA ARG C 347 17.35 3.27 -13.90
C ARG C 347 18.35 4.42 -13.67
N LYS C 348 18.90 4.59 -12.47
CA LYS C 348 19.77 5.72 -12.24
C LYS C 348 21.25 5.34 -11.96
N THR C 349 21.80 4.31 -12.61
CA THR C 349 23.26 4.03 -12.49
C THR C 349 24.04 4.22 -13.79
N THR C 350 23.44 4.88 -14.76
CA THR C 350 24.04 5.03 -16.07
C THR C 350 23.93 6.47 -16.50
N LEU C 351 25.07 7.00 -16.92
CA LEU C 351 25.14 8.42 -17.26
C LEU C 351 26.31 8.67 -18.20
N ALA C 352 26.10 9.55 -19.18
CA ALA C 352 27.19 10.02 -19.99
C ALA C 352 28.37 10.24 -19.07
N PRO C 353 29.56 9.78 -19.45
CA PRO C 353 30.72 9.98 -18.61
C PRO C 353 31.13 11.42 -18.49
N ASN C 354 31.82 11.65 -17.39
CA ASN C 354 31.94 12.97 -16.84
C ASN C 354 32.06 13.93 -17.99
N THR C 355 30.95 14.57 -18.28
CA THR C 355 30.93 15.73 -19.15
C THR C 355 30.87 16.79 -18.06
N GLN C 356 31.52 17.94 -18.29
CA GLN C 356 32.07 18.80 -17.20
C GLN C 356 31.10 19.57 -16.30
N THR C 357 29.96 19.92 -16.90
CA THR C 357 28.77 20.32 -16.20
C THR C 357 27.70 19.33 -16.70
N ALA C 358 26.62 19.30 -15.94
CA ALA C 358 25.79 18.11 -15.81
C ALA C 358 24.58 17.95 -16.80
N SER C 359 23.99 16.75 -16.92
CA SER C 359 22.91 16.46 -17.90
C SER C 359 21.56 17.08 -17.51
N PRO C 360 20.69 17.44 -18.49
CA PRO C 360 19.42 18.05 -18.06
C PRO C 360 18.61 17.17 -17.10
N ARG C 361 18.32 15.95 -17.53
CA ARG C 361 17.36 15.10 -16.82
C ARG C 361 17.83 14.52 -15.47
N ALA C 362 19.12 14.22 -15.33
CA ALA C 362 19.67 13.78 -14.05
C ALA C 362 19.94 14.96 -13.11
N LEU C 363 20.02 16.16 -13.66
CA LEU C 363 20.26 17.35 -12.87
C LEU C 363 19.04 17.64 -12.05
N ALA C 364 17.89 17.65 -12.70
CA ALA C 364 16.63 17.83 -11.97
C ALA C 364 16.39 16.74 -10.93
N ASP C 365 17.24 15.70 -10.98
CA ASP C 365 17.44 14.74 -9.89
C ASP C 365 18.56 15.26 -9.00
N SER C 366 19.82 15.15 -9.45
CA SER C 366 20.98 15.45 -8.62
C SER C 366 20.73 16.68 -7.81
N LEU C 367 20.11 17.70 -8.42
CA LEU C 367 19.77 18.92 -7.73
C LEU C 367 18.56 18.72 -6.82
N MET C 368 17.45 18.22 -7.34
CA MET C 368 16.26 18.01 -6.49
C MET C 368 16.50 17.13 -5.25
N GLN C 369 17.64 16.43 -5.20
CA GLN C 369 18.15 15.74 -3.99
C GLN C 369 18.97 16.77 -3.17
N LEU C 370 19.89 17.49 -3.84
CA LEU C 370 20.64 18.64 -3.27
C LEU C 370 19.70 19.73 -2.68
N ALA C 371 18.74 20.18 -3.49
CA ALA C 371 17.59 21.00 -3.10
C ALA C 371 16.70 20.33 -2.05
N ARG C 372 16.52 19.02 -2.17
CA ARG C 372 15.78 18.27 -1.13
C ARG C 372 16.55 18.20 0.21
N GLN C 373 17.87 17.98 0.18
CA GLN C 373 18.73 17.87 1.38
C GLN C 373 18.71 19.17 2.18
N VAL C 374 18.95 20.29 1.51
CA VAL C 374 18.84 21.63 2.12
C VAL C 374 17.40 21.95 2.57
N SER C 375 16.40 21.42 1.87
CA SER C 375 14.98 21.58 2.26
C SER C 375 14.76 21.04 3.67
N ARG C 376 15.49 19.97 3.98
CA ARG C 376 15.44 19.29 5.27
C ARG C 376 16.03 20.16 6.37
N LEU C 377 17.32 20.49 6.27
CA LEU C 377 17.98 21.35 7.27
C LEU C 377 17.08 22.58 7.51
N GLU C 378 16.68 23.29 6.44
CA GLU C 378 15.75 24.45 6.50
C GLU C 378 14.43 24.14 7.19
N SER C 379 13.90 22.94 6.96
CA SER C 379 12.79 22.42 7.76
C SER C 379 13.23 22.31 9.20
N GLY C 380 14.25 21.49 9.47
CA GLY C 380 14.81 21.28 10.82
C GLY C 380 14.96 22.53 11.70
N GLN C 381 15.21 23.67 11.05
CA GLN C 381 15.37 24.98 11.69
C GLN C 381 14.17 25.39 12.55
N LEU D 83 17.99 -42.61 4.20
CA LEU D 83 17.49 -41.70 5.30
C LEU D 83 17.21 -40.23 4.86
N LEU D 84 15.92 -39.89 4.80
CA LEU D 84 15.44 -38.77 3.99
C LEU D 84 14.59 -37.80 4.80
N ILE D 85 14.83 -36.50 4.66
CA ILE D 85 14.06 -35.52 5.41
C ILE D 85 13.31 -34.56 4.54
N GLY D 86 12.05 -34.32 4.87
CA GLY D 86 11.21 -33.41 4.10
C GLY D 86 11.24 -32.04 4.70
N VAL D 87 11.29 -31.04 3.85
CA VAL D 87 11.24 -29.63 4.28
C VAL D 87 10.12 -28.89 3.57
N ALA D 88 9.23 -28.26 4.32
CA ALA D 88 8.18 -27.45 3.72
C ALA D 88 8.55 -25.99 3.88
N THR D 89 8.45 -25.18 2.82
CA THR D 89 8.87 -23.77 2.91
C THR D 89 8.06 -22.80 2.05
N SER D 90 8.01 -21.53 2.48
CA SER D 90 7.21 -20.50 1.79
C SER D 90 7.68 -20.47 0.37
N SER D 91 6.73 -20.50 -0.56
CA SER D 91 7.11 -20.58 -1.95
C SER D 91 7.32 -19.17 -2.51
N LEU D 92 8.04 -18.35 -1.75
CA LEU D 92 7.99 -16.91 -1.91
C LEU D 92 9.36 -16.24 -2.07
N ALA D 93 10.42 -17.00 -2.34
CA ALA D 93 11.70 -16.43 -2.78
C ALA D 93 12.17 -15.18 -2.03
N LEU D 94 12.03 -15.21 -0.71
CA LEU D 94 12.70 -14.22 0.13
C LEU D 94 14.09 -14.73 0.48
N HIS D 95 14.94 -13.84 0.98
CA HIS D 95 16.34 -14.20 1.25
C HIS D 95 16.54 -15.14 2.44
N ALA D 96 15.98 -14.82 3.60
CA ALA D 96 16.20 -15.66 4.76
C ALA D 96 15.71 -17.07 4.51
N PRO D 97 14.45 -17.26 4.07
CA PRO D 97 14.02 -18.65 3.82
C PRO D 97 14.92 -19.37 2.83
N SER D 98 15.41 -18.67 1.81
CA SER D 98 16.41 -19.27 0.91
C SER D 98 17.66 -19.71 1.67
N GLN D 99 18.22 -18.83 2.49
CA GLN D 99 19.41 -19.17 3.29
C GLN D 99 19.19 -20.32 4.26
N ILE D 100 18.00 -20.37 4.83
CA ILE D 100 17.69 -21.38 5.81
C ILE D 100 17.69 -22.73 5.14
N VAL D 101 17.12 -22.77 3.95
CA VAL D 101 17.02 -24.02 3.24
C VAL D 101 18.41 -24.45 2.77
N ALA D 102 19.25 -23.50 2.41
CA ALA D 102 20.62 -23.84 2.08
C ALA D 102 21.29 -24.48 3.29
N ALA D 103 21.19 -23.80 4.42
CA ALA D 103 21.76 -24.25 5.68
C ALA D 103 21.34 -25.69 6.03
N ILE D 104 20.08 -26.01 5.81
CA ILE D 104 19.58 -27.34 6.11
C ILE D 104 20.24 -28.37 5.23
N LYS D 105 20.31 -28.07 3.94
CA LYS D 105 20.92 -28.99 3.01
C LYS D 105 22.35 -29.22 3.46
N SER D 106 23.08 -28.12 3.64
CA SER D 106 24.48 -28.15 3.98
C SER D 106 24.77 -29.14 5.10
N ARG D 107 23.93 -29.15 6.12
CA ARG D 107 24.12 -30.06 7.24
C ARG D 107 23.85 -31.47 6.80
N ALA D 108 22.65 -31.71 6.28
CA ALA D 108 22.27 -33.04 5.85
C ALA D 108 23.32 -33.70 4.95
N ASP D 109 23.98 -32.89 4.13
CA ASP D 109 25.09 -33.36 3.34
C ASP D 109 26.13 -33.97 4.22
N GLN D 110 26.57 -33.22 5.22
CA GLN D 110 27.58 -33.73 6.14
C GLN D 110 27.16 -35.01 6.86
N LEU D 111 25.87 -35.21 7.09
CA LEU D 111 25.39 -36.41 7.75
C LEU D 111 25.01 -37.49 6.78
N GLY D 112 25.03 -37.19 5.48
CA GLY D 112 24.65 -38.16 4.45
C GLY D 112 23.16 -38.42 4.40
N ALA D 113 22.37 -37.53 4.97
CA ALA D 113 20.93 -37.60 4.85
C ALA D 113 20.54 -36.80 3.62
N SER D 114 19.58 -37.31 2.87
CA SER D 114 19.09 -36.61 1.70
C SER D 114 17.96 -35.71 2.10
N VAL D 115 17.73 -34.67 1.29
CA VAL D 115 16.65 -33.73 1.52
C VAL D 115 15.80 -33.50 0.29
N VAL D 116 14.51 -33.39 0.53
CA VAL D 116 13.51 -33.05 -0.47
C VAL D 116 12.71 -31.87 0.06
N VAL D 117 12.27 -31.00 -0.86
CA VAL D 117 11.53 -29.82 -0.47
C VAL D 117 10.19 -29.73 -1.19
N SER D 118 9.13 -29.45 -0.44
CA SER D 118 7.85 -29.08 -1.01
C SER D 118 7.65 -27.61 -0.63
N MET D 119 6.81 -26.89 -1.35
CA MET D 119 6.69 -25.46 -1.09
C MET D 119 5.24 -25.06 -0.90
N VAL D 120 5.06 -24.02 -0.10
CA VAL D 120 3.76 -23.68 0.41
C VAL D 120 3.21 -22.41 -0.23
N GLU D 121 2.08 -22.56 -0.92
CA GLU D 121 1.51 -21.53 -1.77
C GLU D 121 0.86 -20.39 -0.97
N ARG D 122 1.65 -19.63 -0.21
CA ARG D 122 1.11 -18.62 0.72
C ARG D 122 -0.14 -19.23 1.39
N SER D 123 -1.28 -18.53 1.42
CA SER D 123 -2.58 -19.13 1.77
C SER D 123 -2.69 -19.84 3.15
N GLY D 124 -1.80 -19.55 4.10
CA GLY D 124 -1.93 -20.06 5.49
C GLY D 124 -1.87 -21.57 5.73
N VAL D 125 -2.84 -22.09 6.49
CA VAL D 125 -2.76 -23.44 7.08
C VAL D 125 -3.16 -24.64 6.21
N GLU D 126 -4.19 -24.47 5.38
CA GLU D 126 -4.63 -25.53 4.48
C GLU D 126 -3.53 -25.81 3.44
N ALA D 127 -2.87 -24.73 3.00
CA ALA D 127 -1.74 -24.79 2.07
C ALA D 127 -0.67 -25.71 2.62
N CYS D 128 -0.33 -25.48 3.88
CA CYS D 128 0.72 -26.22 4.53
C CYS D 128 0.32 -27.68 4.73
N LYS D 129 -0.92 -27.91 5.16
CA LYS D 129 -1.43 -29.29 5.34
C LYS D 129 -1.23 -30.14 4.07
N ALA D 130 -1.36 -29.49 2.91
CA ALA D 130 -1.16 -30.14 1.60
C ALA D 130 0.31 -30.44 1.33
N ALA D 131 1.17 -29.43 1.50
CA ALA D 131 2.63 -29.57 1.38
C ALA D 131 3.13 -30.77 2.14
N VAL D 132 2.66 -30.88 3.38
CA VAL D 132 2.99 -32.02 4.22
C VAL D 132 2.63 -33.35 3.55
N HIS D 133 1.39 -33.45 3.07
CA HIS D 133 0.92 -34.70 2.48
C HIS D 133 1.79 -35.21 1.32
N ASN D 134 2.38 -34.30 0.54
CA ASN D 134 3.33 -34.68 -0.50
C ASN D 134 4.56 -35.31 0.11
N LEU D 135 5.17 -34.56 1.03
CA LEU D 135 6.37 -35.01 1.71
C LEU D 135 6.16 -36.38 2.33
N LEU D 136 5.00 -36.58 2.95
CA LEU D 136 4.68 -37.90 3.49
C LEU D 136 4.64 -38.92 2.36
N ALA D 137 3.91 -38.62 1.29
CA ALA D 137 3.83 -39.53 0.14
C ALA D 137 5.22 -39.93 -0.35
N GLN D 138 6.16 -38.99 -0.28
CA GLN D 138 7.57 -39.23 -0.61
C GLN D 138 8.30 -40.29 0.22
N ARG D 139 7.64 -40.85 1.23
CA ARG D 139 8.23 -41.87 2.10
C ARG D 139 9.43 -41.31 2.91
N VAL D 140 9.33 -40.04 3.37
CA VAL D 140 10.37 -39.39 4.20
C VAL D 140 10.51 -40.04 5.57
N SER D 141 11.55 -39.66 6.30
CA SER D 141 11.75 -40.15 7.66
C SER D 141 11.58 -39.05 8.72
N GLY D 142 11.25 -37.83 8.29
CA GLY D 142 11.07 -36.70 9.23
C GLY D 142 10.81 -35.38 8.53
N LEU D 143 10.21 -34.43 9.25
CA LEU D 143 9.75 -33.16 8.64
C LEU D 143 10.31 -31.95 9.33
N ILE D 144 10.62 -30.92 8.55
CA ILE D 144 11.04 -29.65 9.08
C ILE D 144 10.15 -28.61 8.44
N ILE D 145 9.32 -27.97 9.25
CA ILE D 145 8.32 -27.04 8.74
C ILE D 145 8.87 -25.62 8.78
N ASN D 146 9.35 -25.16 7.63
CA ASN D 146 9.90 -23.81 7.53
C ASN D 146 8.89 -22.84 6.89
N TYR D 147 7.81 -22.61 7.61
CA TYR D 147 6.74 -21.73 7.15
C TYR D 147 6.18 -21.14 8.41
N PRO D 148 5.76 -19.87 8.38
CA PRO D 148 5.34 -19.23 9.61
C PRO D 148 3.86 -19.49 9.90
N LEU D 149 3.59 -20.12 11.03
CA LEU D 149 2.24 -20.54 11.41
C LEU D 149 1.79 -20.01 12.78
N ASP D 150 0.49 -19.68 12.88
CA ASP D 150 -0.15 -19.36 14.17
C ASP D 150 -0.05 -20.58 15.06
N ASP D 151 -0.12 -20.37 16.36
CA ASP D 151 -0.07 -21.48 17.32
C ASP D 151 -1.19 -22.51 17.07
N GLN D 152 -2.38 -21.99 16.78
CA GLN D 152 -3.50 -22.84 16.41
C GLN D 152 -3.21 -23.61 15.12
N ASP D 153 -2.70 -22.91 14.10
CA ASP D 153 -2.43 -23.55 12.78
C ASP D 153 -1.37 -24.65 12.88
N ALA D 154 -0.33 -24.40 13.67
CA ALA D 154 0.78 -25.36 13.84
C ALA D 154 0.27 -26.70 14.34
N ILE D 155 -0.57 -26.64 15.37
CA ILE D 155 -1.11 -27.86 15.99
C ILE D 155 -1.87 -28.71 14.99
N ALA D 156 -2.56 -28.01 14.09
CA ALA D 156 -3.31 -28.63 13.02
C ALA D 156 -2.36 -29.35 12.11
N VAL D 157 -1.30 -28.65 11.75
CA VAL D 157 -0.31 -29.19 10.85
C VAL D 157 0.41 -30.36 11.50
N GLU D 158 0.72 -30.24 12.79
CA GLU D 158 1.30 -31.39 13.52
C GLU D 158 0.38 -32.59 13.39
N ALA D 159 -0.94 -32.37 13.50
CA ALA D 159 -1.91 -33.46 13.37
C ALA D 159 -1.70 -34.29 12.09
N ALA D 160 -1.41 -33.60 10.97
CA ALA D 160 -1.25 -34.26 9.66
C ALA D 160 -0.08 -35.24 9.63
N CYS D 161 0.97 -34.92 10.38
CA CYS D 161 2.16 -35.76 10.42
C CYS D 161 1.88 -37.07 11.15
N THR D 162 1.20 -37.95 10.43
CA THR D 162 0.76 -39.22 10.98
C THR D 162 1.97 -40.11 11.24
N ASN D 163 2.35 -40.18 12.53
CA ASN D 163 3.49 -40.97 13.05
C ASN D 163 4.87 -40.52 12.53
N VAL D 164 4.98 -39.28 12.04
CA VAL D 164 6.25 -38.82 11.52
C VAL D 164 6.82 -37.67 12.32
N PRO D 165 8.04 -37.84 12.84
CA PRO D 165 8.69 -36.77 13.60
C PRO D 165 8.68 -35.43 12.87
N ALA D 166 8.15 -34.39 13.49
CA ALA D 166 8.00 -33.09 12.84
C ALA D 166 8.54 -31.95 13.69
N LEU D 167 9.42 -31.15 13.10
CA LEU D 167 10.08 -30.11 13.85
C LEU D 167 9.79 -28.74 13.23
N PHE D 168 9.11 -27.87 13.97
CA PHE D 168 8.68 -26.56 13.43
C PHE D 168 9.69 -25.44 13.66
N LEU D 169 9.90 -24.59 12.66
CA LEU D 169 10.73 -23.38 12.80
C LEU D 169 9.87 -22.13 12.93
N THR D 170 8.67 -22.33 13.46
CA THR D 170 7.90 -21.25 14.06
C THR D 170 7.54 -21.69 15.47
N ALA D 171 7.16 -20.71 16.27
CA ALA D 171 6.52 -20.96 17.54
C ALA D 171 6.08 -19.61 18.05
N SER D 172 5.54 -19.62 19.25
CA SER D 172 5.70 -18.51 20.18
C SER D 172 6.13 -19.18 21.48
N ASP D 173 6.19 -18.39 22.55
CA ASP D 173 6.64 -18.82 23.87
C ASP D 173 6.19 -20.28 24.30
N GLN D 174 4.91 -20.51 24.60
CA GLN D 174 4.48 -21.85 25.10
C GLN D 174 3.65 -22.76 24.13
N THR D 175 3.96 -22.69 22.83
CA THR D 175 3.71 -23.78 21.84
C THR D 175 4.06 -25.13 22.50
N PRO D 176 3.11 -26.12 22.52
CA PRO D 176 3.43 -27.46 23.07
C PRO D 176 3.97 -28.43 22.02
N LEU D 177 4.57 -27.89 20.97
CA LEU D 177 5.15 -28.65 19.85
C LEU D 177 6.66 -28.54 19.82
N ASN D 178 7.29 -29.42 19.05
CA ASN D 178 8.73 -29.35 18.82
C ASN D 178 9.08 -28.19 17.93
N SER D 179 9.88 -27.27 18.45
CA SER D 179 10.29 -26.11 17.67
C SER D 179 11.73 -25.70 17.93
N ILE D 180 12.27 -24.94 16.99
CA ILE D 180 13.45 -24.15 17.21
C ILE D 180 13.20 -22.82 16.55
N ILE D 181 13.27 -21.76 17.34
CA ILE D 181 13.25 -20.42 16.75
C ILE D 181 14.24 -19.55 17.48
N PHE D 182 14.56 -18.41 16.90
CA PHE D 182 15.47 -17.49 17.51
C PHE D 182 14.73 -16.77 18.58
N SER D 183 15.46 -16.29 19.57
CA SER D 183 14.88 -15.40 20.53
C SER D 183 14.50 -14.12 19.78
N HIS D 184 13.22 -13.83 19.77
CA HIS D 184 12.72 -12.56 19.29
C HIS D 184 12.83 -11.56 20.43
N GLU D 185 12.62 -12.03 21.65
CA GLU D 185 12.79 -11.21 22.84
C GLU D 185 14.13 -10.51 22.88
N ASP D 186 15.18 -11.21 22.43
CA ASP D 186 16.52 -10.64 22.41
C ASP D 186 16.66 -9.64 21.27
N GLY D 187 16.40 -10.10 20.05
CA GLY D 187 16.56 -9.28 18.86
C GLY D 187 15.88 -7.93 18.94
N THR D 188 14.73 -7.88 19.61
CA THR D 188 14.03 -6.62 19.78
C THR D 188 14.70 -5.79 20.87
N ARG D 189 15.03 -6.42 21.99
CA ARG D 189 15.73 -5.71 23.07
C ARG D 189 17.00 -5.08 22.49
N LEU D 190 17.85 -5.93 21.93
CA LEU D 190 19.14 -5.48 21.41
C LEU D 190 19.01 -4.26 20.56
N GLY D 191 18.12 -4.34 19.58
CA GLY D 191 17.87 -3.21 18.67
C GLY D 191 17.52 -1.97 19.46
N VAL D 192 16.48 -2.08 20.29
CA VAL D 192 16.01 -0.95 21.05
C VAL D 192 17.10 -0.42 21.96
N GLU D 193 17.73 -1.31 22.73
CA GLU D 193 18.83 -0.89 23.59
C GLU D 193 19.98 -0.25 22.82
N HIS D 194 20.33 -0.77 21.64
CA HIS D 194 21.36 -0.13 20.84
C HIS D 194 20.99 1.33 20.51
N LEU D 195 19.78 1.55 20.04
CA LEU D 195 19.34 2.89 19.61
C LEU D 195 19.18 3.84 20.77
N VAL D 196 18.57 3.33 21.83
CA VAL D 196 18.32 4.14 23.03
C VAL D 196 19.65 4.61 23.61
N ALA D 197 20.64 3.73 23.62
CA ALA D 197 21.98 4.05 24.10
C ALA D 197 22.61 5.15 23.28
N LEU D 198 22.43 5.11 21.96
CA LEU D 198 22.93 6.19 21.11
C LEU D 198 22.19 7.50 21.34
N GLY D 199 21.02 7.43 21.97
CA GLY D 199 20.34 8.63 22.42
C GLY D 199 19.16 9.00 21.58
N HIS D 200 18.67 8.08 20.77
CA HIS D 200 17.51 8.35 19.93
C HIS D 200 16.26 8.30 20.78
N GLN D 201 15.35 9.27 20.57
CA GLN D 201 14.05 9.28 21.25
C GLN D 201 12.91 9.19 20.21
N GLN D 202 13.01 9.94 19.13
CA GLN D 202 12.02 9.89 18.05
C GLN D 202 12.30 8.69 17.13
N ILE D 203 11.71 7.56 17.50
CA ILE D 203 11.96 6.28 16.81
C ILE D 203 10.70 5.77 16.12
N ALA D 204 10.91 5.08 14.99
CA ALA D 204 9.81 4.54 14.19
C ALA D 204 10.00 3.05 13.86
N LEU D 205 8.88 2.36 13.69
CA LEU D 205 8.89 0.90 13.49
C LEU D 205 8.38 0.53 12.11
N LEU D 206 9.00 -0.51 11.55
CA LEU D 206 8.62 -0.97 10.24
C LEU D 206 8.55 -2.47 10.32
N ALA D 207 7.32 -2.95 10.48
CA ALA D 207 7.04 -4.36 10.73
C ALA D 207 6.89 -5.10 9.44
N GLY D 208 7.01 -6.42 9.57
CA GLY D 208 6.66 -7.31 8.49
C GLY D 208 5.14 -7.35 8.43
N PRO D 209 4.61 -8.14 7.51
CA PRO D 209 3.19 -8.25 7.36
C PRO D 209 2.62 -8.92 8.58
N LEU D 210 1.73 -8.21 9.27
CA LEU D 210 1.26 -8.62 10.59
C LEU D 210 0.37 -9.86 10.57
N SER D 211 -0.14 -10.21 9.39
CA SER D 211 -0.72 -11.53 9.20
C SER D 211 0.30 -12.62 9.55
N SER D 212 1.57 -12.39 9.25
CA SER D 212 2.63 -13.30 9.67
C SER D 212 2.95 -13.08 11.16
N VAL D 213 3.09 -14.20 11.88
CA VAL D 213 3.36 -14.18 13.33
C VAL D 213 4.79 -13.78 13.66
N ASP D 214 5.72 -14.05 12.73
CA ASP D 214 7.06 -13.48 12.81
C ASP D 214 6.91 -12.04 13.20
N ALA D 215 6.26 -11.31 12.30
CA ALA D 215 6.27 -9.86 12.28
C ALA D 215 5.59 -9.40 13.54
N ARG D 216 4.51 -10.10 13.91
CA ARG D 216 3.74 -9.74 15.08
C ARG D 216 4.59 -9.75 16.31
N LEU D 217 5.35 -10.81 16.51
CA LEU D 217 6.18 -10.90 17.71
C LEU D 217 7.21 -9.80 17.74
N ARG D 218 7.92 -9.66 16.64
CA ARG D 218 8.99 -8.69 16.60
C ARG D 218 8.43 -7.30 16.89
N LEU D 219 7.27 -6.98 16.33
CA LEU D 219 6.64 -5.69 16.61
C LEU D 219 6.30 -5.55 18.11
N ALA D 220 5.75 -6.61 18.72
CA ALA D 220 5.43 -6.60 20.15
C ALA D 220 6.68 -6.34 20.98
N GLY D 221 7.74 -7.10 20.68
CA GLY D 221 9.05 -6.92 21.31
C GLY D 221 9.49 -5.48 21.32
N TRP D 222 9.62 -4.89 20.13
CA TRP D 222 9.98 -3.47 20.05
C TRP D 222 9.10 -2.65 20.98
N HIS D 223 7.79 -2.70 20.80
CA HIS D 223 6.86 -1.97 21.64
C HIS D 223 7.21 -2.11 23.12
N LYS D 224 7.41 -3.36 23.54
CA LYS D 224 7.73 -3.67 24.92
C LYS D 224 8.96 -2.91 25.38
N TYR D 225 10.08 -3.10 24.70
CA TYR D 225 11.34 -2.54 25.18
C TYR D 225 11.42 -1.03 25.04
N LEU D 226 10.73 -0.47 24.06
CA LEU D 226 10.58 0.97 23.99
C LEU D 226 9.78 1.46 25.16
N THR D 227 8.61 0.87 25.36
CA THR D 227 7.75 1.17 26.52
C THR D 227 8.58 1.06 27.81
N ARG D 228 9.40 0.02 27.88
CA ARG D 228 10.30 -0.18 29.00
C ARG D 228 11.42 0.84 29.14
N ASN D 229 11.62 1.65 28.11
CA ASN D 229 12.60 2.73 28.15
C ASN D 229 11.88 4.06 28.05
N GLN D 230 10.66 4.11 28.59
CA GLN D 230 9.82 5.32 28.61
C GLN D 230 9.72 6.04 27.25
N ILE D 231 9.82 5.29 26.15
CA ILE D 231 9.59 5.83 24.81
C ILE D 231 8.42 5.11 24.18
N GLN D 232 7.51 5.88 23.60
CA GLN D 232 6.50 5.35 22.72
C GLN D 232 6.92 5.71 21.29
N PRO D 233 6.87 4.76 20.34
CA PRO D 233 7.40 5.04 19.01
C PRO D 233 6.62 6.14 18.36
N ILE D 234 7.28 6.96 17.55
CA ILE D 234 6.59 8.08 16.90
C ILE D 234 5.73 7.66 15.71
N ALA D 235 5.95 6.47 15.18
CA ALA D 235 5.17 5.97 14.05
C ALA D 235 5.52 4.53 13.77
N GLU D 236 4.51 3.74 13.49
CA GLU D 236 4.75 2.37 13.08
C GLU D 236 4.04 2.09 11.77
N ARG D 237 4.58 1.13 11.04
CA ARG D 237 4.13 0.84 9.70
C ARG D 237 4.47 -0.59 9.35
N GLU D 238 3.75 -1.13 8.38
CA GLU D 238 3.80 -2.54 8.08
C GLU D 238 4.18 -2.69 6.61
N GLY D 239 5.14 -3.55 6.37
CA GLY D 239 5.51 -3.91 5.01
C GLY D 239 5.12 -5.35 4.75
N ASP D 240 5.78 -5.95 3.79
CA ASP D 240 5.50 -7.34 3.42
C ASP D 240 6.78 -8.18 3.26
N TRP D 241 7.89 -7.70 3.83
CA TRP D 241 9.21 -8.32 3.69
C TRP D 241 10.00 -7.88 2.45
N SER D 242 9.31 -7.31 1.45
CA SER D 242 9.99 -6.91 0.22
C SER D 242 10.80 -5.64 0.44
N ALA D 243 11.83 -5.48 -0.35
CA ALA D 243 12.62 -4.25 -0.31
C ALA D 243 11.75 -3.08 -0.72
N MET D 244 10.96 -3.30 -1.77
CA MET D 244 10.12 -2.24 -2.31
C MET D 244 9.03 -1.77 -1.32
N SER D 245 8.49 -2.67 -0.51
CA SER D 245 7.51 -2.27 0.49
C SER D 245 8.21 -1.44 1.55
N GLY D 246 9.48 -1.74 1.79
CA GLY D 246 10.27 -0.92 2.70
C GLY D 246 10.35 0.51 2.25
N PHE D 247 10.67 0.70 0.98
CA PHE D 247 10.72 2.02 0.37
C PHE D 247 9.38 2.77 0.42
N GLN D 248 8.30 2.10 0.03
CA GLN D 248 6.99 2.75 -0.05
C GLN D 248 6.49 3.23 1.30
N GLN D 249 6.68 2.43 2.34
CA GLN D 249 6.24 2.84 3.65
C GLN D 249 7.11 3.97 4.17
N THR D 250 8.42 3.84 4.02
CA THR D 250 9.29 4.88 4.49
C THR D 250 9.07 6.20 3.76
N MET D 251 8.80 6.17 2.46
CA MET D 251 8.42 7.40 1.74
C MET D 251 7.10 7.97 2.25
N GLN D 252 6.07 7.13 2.32
CA GLN D 252 4.74 7.56 2.78
C GLN D 252 4.83 8.27 4.09
N MET D 253 5.63 7.71 4.98
CA MET D 253 5.86 8.28 6.30
C MET D 253 6.55 9.63 6.24
N LEU D 254 7.65 9.70 5.49
CA LEU D 254 8.41 10.93 5.39
C LEU D 254 7.59 12.02 4.72
N ASN D 255 6.83 11.63 3.69
CA ASN D 255 5.99 12.59 2.96
C ASN D 255 4.78 13.06 3.74
N GLU D 256 4.43 12.33 4.80
CA GLU D 256 3.50 12.85 5.82
C GLU D 256 4.18 13.85 6.76
N GLY D 257 5.50 14.00 6.70
CA GLY D 257 6.24 14.93 7.55
C GLY D 257 6.57 14.35 8.91
N ILE D 258 6.38 13.04 9.08
CA ILE D 258 6.88 12.32 10.25
C ILE D 258 8.32 11.95 9.91
N VAL D 259 9.26 12.43 10.71
CA VAL D 259 10.67 12.21 10.45
C VAL D 259 11.41 11.78 11.69
N PRO D 260 11.57 10.48 11.86
CA PRO D 260 12.26 9.97 13.01
C PRO D 260 13.75 10.25 12.89
N THR D 261 14.47 9.93 13.95
CA THR D 261 15.93 9.93 13.93
C THR D 261 16.42 8.48 13.83
N ALA D 262 15.51 7.53 14.01
CA ALA D 262 15.89 6.14 13.93
C ALA D 262 14.73 5.26 13.55
N MET D 263 15.06 4.16 12.88
CA MET D 263 14.06 3.21 12.45
C MET D 263 14.47 1.81 12.83
N LEU D 264 13.56 1.09 13.47
CA LEU D 264 13.71 -0.33 13.63
C LEU D 264 12.94 -0.98 12.49
N VAL D 265 13.63 -1.81 11.71
CA VAL D 265 13.04 -2.50 10.57
C VAL D 265 13.08 -4.02 10.76
N ALA D 266 12.01 -4.68 10.32
CA ALA D 266 11.72 -6.07 10.64
C ALA D 266 12.43 -7.14 9.78
N ASN D 267 13.09 -6.72 8.71
CA ASN D 267 13.99 -7.61 7.97
C ASN D 267 14.93 -6.82 7.07
N ASP D 268 16.02 -7.42 6.64
CA ASP D 268 17.05 -6.67 5.92
C ASP D 268 16.63 -6.13 4.53
N GLN D 269 15.67 -6.77 3.87
CA GLN D 269 15.23 -6.29 2.57
C GLN D 269 14.41 -5.00 2.71
N MET D 270 13.45 -5.01 3.60
CA MET D 270 12.68 -3.82 3.89
C MET D 270 13.61 -2.68 4.28
N ALA D 271 14.64 -2.95 5.07
CA ALA D 271 15.60 -1.92 5.43
C ALA D 271 16.22 -1.25 4.20
N LEU D 272 16.70 -2.07 3.29
CA LEU D 272 17.27 -1.58 2.05
C LEU D 272 16.36 -0.55 1.42
N GLY D 273 15.08 -0.90 1.32
CA GLY D 273 14.09 0.00 0.72
C GLY D 273 13.91 1.29 1.52
N ALA D 274 13.81 1.13 2.83
CA ALA D 274 13.74 2.26 3.70
C ALA D 274 14.98 3.12 3.53
N MET D 275 16.13 2.49 3.37
CA MET D 275 17.36 3.26 3.22
C MET D 275 17.33 4.12 1.97
N ARG D 276 16.84 3.58 0.87
CA ARG D 276 16.70 4.40 -0.35
C ARG D 276 15.73 5.55 -0.13
N ALA D 277 14.59 5.25 0.49
CA ALA D 277 13.58 6.27 0.75
C ALA D 277 14.16 7.46 1.50
N ILE D 278 14.84 7.17 2.61
CA ILE D 278 15.61 8.15 3.36
C ILE D 278 16.50 8.98 2.44
N THR D 279 17.34 8.25 1.71
CA THR D 279 18.38 8.87 0.88
C THR D 279 17.77 9.79 -0.16
N GLU D 280 16.79 9.29 -0.90
CA GLU D 280 16.17 10.07 -1.95
C GLU D 280 15.38 11.24 -1.37
N SER D 281 14.96 11.11 -0.11
CA SER D 281 14.35 12.21 0.63
C SER D 281 15.37 13.25 1.10
N GLY D 282 16.57 13.23 0.52
CA GLY D 282 17.59 14.24 0.80
C GLY D 282 18.22 14.09 2.16
N LEU D 283 18.07 12.93 2.77
CA LEU D 283 18.61 12.67 4.10
C LEU D 283 19.67 11.61 4.05
N ARG D 284 20.44 11.54 5.12
CA ARG D 284 21.54 10.59 5.20
C ARG D 284 21.23 9.48 6.17
N VAL D 285 21.48 8.25 5.75
CA VAL D 285 21.31 7.11 6.61
C VAL D 285 22.41 7.18 7.65
N GLY D 286 22.06 6.79 8.88
CA GLY D 286 22.94 6.92 10.03
C GLY D 286 22.90 8.34 10.53
N ALA D 287 23.71 9.19 9.88
CA ALA D 287 23.84 10.59 10.26
C ALA D 287 22.52 11.27 10.62
N ASP D 288 21.51 11.15 9.75
CA ASP D 288 20.20 11.78 9.97
C ASP D 288 19.19 10.83 10.55
N ILE D 289 18.94 9.76 9.84
CA ILE D 289 18.05 8.72 10.29
C ILE D 289 18.85 7.44 10.39
N SER D 290 19.06 6.96 11.61
CA SER D 290 19.71 5.68 11.79
C SER D 290 18.69 4.58 11.48
N VAL D 291 19.22 3.44 11.03
CA VAL D 291 18.40 2.27 10.64
C VAL D 291 18.99 0.97 11.14
N VAL D 292 18.12 0.08 11.63
CA VAL D 292 18.57 -1.19 12.16
C VAL D 292 17.74 -2.32 11.59
N GLY D 293 18.42 -3.25 10.93
CA GLY D 293 17.78 -4.34 10.22
C GLY D 293 17.35 -5.46 11.14
N TYR D 294 17.11 -6.63 10.53
CA TYR D 294 16.79 -7.83 11.26
C TYR D 294 17.00 -9.02 10.32
N ASP D 295 18.09 -9.76 10.52
CA ASP D 295 18.36 -11.08 9.88
C ASP D 295 19.85 -11.22 9.60
N ASP D 296 20.50 -10.13 9.21
CA ASP D 296 21.84 -10.18 8.60
C ASP D 296 21.90 -11.30 7.59
N THR D 297 21.15 -11.09 6.52
CA THR D 297 21.20 -11.89 5.33
C THR D 297 22.46 -11.47 4.57
N GLU D 298 22.86 -12.27 3.59
CA GLU D 298 24.16 -12.10 2.93
C GLU D 298 24.40 -10.72 2.37
N ASP D 299 23.47 -10.24 1.57
CA ASP D 299 23.66 -8.96 0.88
C ASP D 299 23.94 -7.80 1.83
N SER D 300 23.39 -7.85 3.05
CA SER D 300 23.37 -6.69 3.95
C SER D 300 24.73 -6.06 4.27
N SER D 301 25.74 -6.87 4.54
CA SER D 301 27.09 -6.34 4.75
C SER D 301 27.55 -5.39 3.64
N CYS D 302 26.92 -5.46 2.47
CA CYS D 302 27.26 -4.60 1.33
C CYS D 302 26.17 -3.56 0.90
N TYR D 303 25.15 -3.36 1.73
CA TYR D 303 24.23 -2.26 1.48
C TYR D 303 25.06 -0.98 1.59
N ILE D 304 24.54 0.10 1.02
CA ILE D 304 25.30 1.35 1.01
C ILE D 304 24.52 2.32 1.86
N PRO D 305 24.98 2.59 3.08
CA PRO D 305 26.13 2.05 3.80
C PRO D 305 25.85 0.70 4.49
N PRO D 306 26.90 -0.09 4.77
CA PRO D 306 26.70 -1.40 5.35
C PRO D 306 25.76 -1.38 6.55
N LEU D 307 24.75 -2.24 6.50
CA LEU D 307 23.61 -2.16 7.40
C LEU D 307 23.93 -2.73 8.75
N THR D 308 23.56 -1.99 9.78
CA THR D 308 23.58 -2.47 11.12
C THR D 308 22.31 -3.28 11.31
N THR D 309 22.44 -4.49 11.84
CA THR D 309 21.28 -5.38 11.93
C THR D 309 21.44 -6.48 12.97
N ILE D 310 20.32 -7.12 13.29
CA ILE D 310 20.29 -8.25 14.21
C ILE D 310 20.65 -9.52 13.46
N LYS D 311 21.79 -10.12 13.77
CA LYS D 311 22.16 -11.36 13.13
C LYS D 311 21.37 -12.49 13.72
N GLN D 312 20.68 -13.21 12.85
CA GLN D 312 20.17 -14.51 13.14
C GLN D 312 21.01 -15.48 12.30
N ASP D 313 21.64 -16.44 12.96
CA ASP D 313 22.55 -17.34 12.26
C ASP D 313 21.81 -18.50 11.67
N PHE D 314 21.45 -18.39 10.39
CA PHE D 314 20.68 -19.43 9.75
C PHE D 314 21.53 -20.69 9.54
N ARG D 315 22.82 -20.50 9.25
CA ARG D 315 23.74 -21.62 9.13
C ARG D 315 23.46 -22.52 10.32
N LEU D 316 23.46 -21.88 11.51
CA LEU D 316 23.26 -22.56 12.79
C LEU D 316 21.93 -23.23 12.86
N LEU D 317 20.86 -22.46 12.71
CA LEU D 317 19.50 -23.00 12.71
C LEU D 317 19.36 -24.26 11.82
N GLY D 318 19.92 -24.25 10.62
CA GLY D 318 19.96 -25.45 9.79
C GLY D 318 20.58 -26.62 10.56
N GLN D 319 21.85 -26.48 10.90
CA GLN D 319 22.60 -27.49 11.61
C GLN D 319 21.84 -28.02 12.80
N THR D 320 21.40 -27.10 13.65
CA THR D 320 20.63 -27.43 14.83
C THR D 320 19.43 -28.30 14.53
N SER D 321 18.55 -27.78 13.69
CA SER D 321 17.27 -28.44 13.46
C SER D 321 17.41 -29.82 12.86
N VAL D 322 18.31 -30.00 11.90
CA VAL D 322 18.54 -31.32 11.33
C VAL D 322 18.95 -32.33 12.44
N ASP D 323 19.96 -31.96 13.21
CA ASP D 323 20.41 -32.83 14.30
C ASP D 323 19.27 -33.11 15.25
N ARG D 324 18.55 -32.06 15.62
CA ARG D 324 17.42 -32.24 16.49
C ARG D 324 16.41 -33.21 15.88
N LEU D 325 16.11 -33.04 14.60
CA LEU D 325 15.13 -33.89 13.95
C LEU D 325 15.56 -35.34 13.96
N LEU D 326 16.86 -35.55 13.82
CA LEU D 326 17.37 -36.92 13.76
C LEU D 326 17.26 -37.57 15.14
N GLN D 327 17.59 -36.82 16.19
CA GLN D 327 17.32 -37.26 17.55
C GLN D 327 15.86 -37.66 17.66
N LEU D 328 14.98 -36.76 17.23
CA LEU D 328 13.55 -37.00 17.31
C LEU D 328 13.11 -38.32 16.69
N SER D 329 13.61 -38.63 15.49
CA SER D 329 13.26 -39.89 14.81
C SER D 329 13.80 -41.11 15.52
N GLN D 330 14.74 -40.91 16.45
CA GLN D 330 15.24 -41.98 17.34
C GLN D 330 14.51 -42.04 18.69
N GLY D 331 13.42 -41.28 18.82
CA GLY D 331 12.56 -41.34 19.99
C GLY D 331 13.23 -40.90 21.28
N GLN D 332 14.02 -39.83 21.19
CA GLN D 332 14.78 -39.34 22.34
C GLN D 332 15.26 -37.91 22.11
N ALA D 333 14.45 -36.94 22.50
CA ALA D 333 14.78 -35.53 22.23
C ALA D 333 14.21 -34.63 23.29
N VAL D 334 14.64 -33.37 23.24
CA VAL D 334 14.05 -32.32 24.08
C VAL D 334 12.67 -31.97 23.50
N LYS D 335 11.75 -32.94 23.51
CA LYS D 335 10.41 -32.77 22.91
C LYS D 335 9.81 -31.48 23.47
N GLY D 336 9.83 -30.40 22.67
CA GLY D 336 9.33 -29.11 23.12
C GLY D 336 9.95 -27.92 22.40
N ASN D 337 9.67 -26.72 22.90
CA ASN D 337 10.21 -25.47 22.35
C ASN D 337 11.71 -25.37 22.63
N GLN D 338 12.45 -24.78 21.70
CA GLN D 338 13.85 -24.48 21.93
C GLN D 338 14.19 -23.13 21.31
N LEU D 339 15.14 -22.42 21.92
CA LEU D 339 15.53 -21.07 21.46
C LEU D 339 16.99 -20.95 21.07
N LEU D 340 17.23 -20.14 20.05
CA LEU D 340 18.56 -19.84 19.61
C LEU D 340 18.83 -18.38 19.85
N PRO D 341 20.09 -18.04 20.08
CA PRO D 341 20.47 -16.65 20.35
C PRO D 341 20.55 -15.80 19.10
N VAL D 342 20.55 -14.50 19.30
CA VAL D 342 20.82 -13.59 18.19
C VAL D 342 21.93 -12.68 18.62
N SER D 343 22.37 -11.80 17.72
CA SER D 343 23.44 -10.87 18.03
C SER D 343 23.25 -9.60 17.24
N LEU D 344 23.72 -8.49 17.80
CA LEU D 344 23.74 -7.23 17.09
C LEU D 344 24.98 -7.22 16.24
N VAL D 345 24.88 -6.67 15.03
CA VAL D 345 26.03 -6.46 14.19
C VAL D 345 26.07 -4.99 13.85
N LYS D 346 27.00 -4.29 14.51
CA LYS D 346 27.12 -2.83 14.37
C LYS D 346 27.93 -2.58 13.09
N ARG D 347 27.29 -1.96 12.09
CA ARG D 347 27.97 -1.52 10.87
C ARG D 347 27.84 0.00 10.76
N LYS D 348 27.51 0.55 9.60
CA LYS D 348 27.51 1.97 9.44
C LYS D 348 26.16 2.61 9.18
N THR D 349 25.08 2.09 9.77
CA THR D 349 23.77 2.78 9.66
C THR D 349 23.23 3.31 11.01
N THR D 350 24.10 3.38 12.01
CA THR D 350 23.67 3.76 13.35
C THR D 350 24.63 4.79 13.91
N LEU D 351 24.06 5.87 14.42
CA LEU D 351 24.84 7.00 14.85
C LEU D 351 24.04 7.82 15.82
N ALA D 352 24.71 8.31 16.86
CA ALA D 352 24.11 9.31 17.72
C ALA D 352 23.34 10.29 16.85
N PRO D 353 22.09 10.61 17.22
CA PRO D 353 21.33 11.54 16.41
C PRO D 353 22.05 12.89 16.37
N ASN D 354 22.27 13.39 15.18
CA ASN D 354 22.93 14.62 14.99
C ASN D 354 21.87 15.68 14.95
N THR D 355 21.98 16.65 15.84
CA THR D 355 21.18 17.87 15.73
C THR D 355 21.93 18.81 14.75
N GLN D 356 22.09 18.30 13.52
CA GLN D 356 23.00 18.90 12.52
C GLN D 356 22.49 20.30 12.14
N THR D 357 22.65 21.24 13.08
CA THR D 357 22.03 22.58 12.98
C THR D 357 22.87 23.49 12.05
N ALA D 358 22.60 23.49 10.73
CA ALA D 358 23.30 24.41 9.79
C ALA D 358 22.82 25.88 9.91
N SER D 359 23.66 26.84 9.51
CA SER D 359 23.38 28.28 9.71
C SER D 359 22.35 28.83 8.71
N PRO D 360 21.57 29.86 9.11
CA PRO D 360 20.57 30.32 8.14
C PRO D 360 21.21 30.75 6.82
N ARG D 361 22.16 31.67 6.88
CA ARG D 361 22.66 32.38 5.68
C ARG D 361 23.54 31.53 4.75
N ALA D 362 24.30 30.59 5.28
CA ALA D 362 25.06 29.65 4.42
C ALA D 362 24.18 28.49 3.90
N LEU D 363 23.05 28.27 4.54
CA LEU D 363 22.14 27.21 4.15
C LEU D 363 21.52 27.59 2.84
N ALA D 364 21.01 28.83 2.78
CA ALA D 364 20.45 29.37 1.54
C ALA D 364 21.48 29.50 0.42
N ASP D 365 22.76 29.38 0.75
CA ASP D 365 23.83 29.47 -0.27
C ASP D 365 24.00 28.23 -1.10
N SER D 366 24.15 27.10 -0.41
CA SER D 366 24.17 25.83 -1.09
C SER D 366 23.28 26.00 -2.30
N LEU D 367 22.13 26.61 -2.09
CA LEU D 367 21.15 26.81 -3.13
C LEU D 367 21.53 27.86 -4.14
N MET D 368 21.81 29.07 -3.64
CA MET D 368 22.02 30.21 -4.53
C MET D 368 23.12 29.99 -5.56
N GLN D 369 23.89 28.90 -5.42
CA GLN D 369 24.67 28.32 -6.53
C GLN D 369 23.79 27.32 -7.25
N LEU D 370 23.33 26.31 -6.54
CA LEU D 370 22.56 25.27 -7.18
C LEU D 370 21.64 25.92 -8.19
N ALA D 371 20.91 26.91 -7.70
CA ALA D 371 19.95 27.61 -8.54
C ALA D 371 20.56 28.10 -9.85
N ARG D 372 21.77 28.65 -9.81
CA ARG D 372 22.37 29.16 -11.04
C ARG D 372 22.75 28.06 -12.03
N GLN D 373 23.20 26.94 -11.52
CA GLN D 373 23.73 25.89 -12.37
C GLN D 373 22.82 25.58 -13.54
N VAL D 374 21.51 25.68 -13.31
CA VAL D 374 20.53 25.38 -14.34
C VAL D 374 20.55 26.39 -15.51
N SER D 375 20.88 27.65 -15.22
CA SER D 375 21.02 28.66 -16.28
C SER D 375 22.08 28.26 -17.29
N ARG D 376 23.11 27.60 -16.79
CA ARG D 376 24.22 27.11 -17.59
C ARG D 376 23.58 26.14 -18.54
N LEU D 377 22.70 25.31 -18.01
CA LEU D 377 21.86 24.44 -18.81
C LEU D 377 20.78 25.26 -19.51
O3 RRY E . -23.65 16.78 16.64
C3 RRY E . -24.19 15.39 16.60
C4 RRY E . -25.72 15.28 16.35
O4 RRY E . -26.44 15.09 17.59
C5 RRY E . -25.81 14.04 15.46
C6 RRY E . -27.13 13.94 14.69
CL6 RRY E . -26.89 13.19 13.03
O5 RRY E . -24.71 14.29 14.56
C2 RRY E . -23.59 14.58 15.46
C1 RRY E . -23.12 13.27 16.00
CL1 RRY E . -21.68 13.48 16.95
O2 RRY E . -22.45 15.27 14.91
C1 RRJ E . -22.35 15.20 13.43
O5 RRJ E . -23.53 15.39 12.50
C5 RRJ E . -23.74 16.66 11.81
C6 RRJ E . -24.64 16.38 10.58
O6 RRJ E . -25.88 15.85 11.06
C4 RRJ E . -22.46 17.40 11.43
CL4 RRJ E . -21.62 16.78 9.89
C3 RRJ E . -21.54 17.37 12.62
O3 RRJ E . -20.31 17.88 12.24
C2 RRJ E . -21.18 16.01 12.99
O2 RRJ E . -20.31 16.11 14.11
O3 RRY F . -21.32 0.00 -7.71
C3 RRY F . -22.62 -0.15 -7.17
C4 RRY F . -22.59 -1.30 -6.23
O4 RRY F . -23.23 -2.42 -6.87
C5 RRY F . -23.42 -0.79 -5.10
C6 RRY F . -22.98 -1.52 -3.84
CL6 RRY F . -23.04 -0.35 -2.51
O5 RRY F . -23.03 0.63 -4.99
C2 RRY F . -22.91 1.10 -6.35
C1 RRY F . -24.28 1.64 -6.78
CL1 RRY F . -24.28 2.52 -8.35
O2 RRY F . -21.84 2.06 -6.62
C1 RRJ F . -21.15 2.82 -5.57
O5 RRJ F . -20.53 2.22 -4.40
C5 RRJ F . -19.19 1.67 -4.50
C6 RRJ F . -18.85 1.35 -3.05
O6 RRJ F . -19.75 0.31 -2.62
C4 RRJ F . -18.20 2.65 -5.09
CL4 RRJ F . -17.95 4.18 -4.12
C3 RRJ F . -18.74 3.08 -6.43
O3 RRJ F . -17.90 4.10 -6.99
C2 RRJ F . -20.12 3.70 -6.29
O2 RRJ F . -20.62 3.90 -7.57
O3 RRY G . 22.13 -18.72 -16.07
C3 RRY G . 21.12 -19.60 -15.60
C4 RRY G . 21.79 -20.88 -15.13
O4 RRY G . 21.76 -21.92 -16.15
C5 RRY G . 20.94 -21.25 -13.96
C6 RRY G . 21.71 -22.19 -13.04
CL6 RRY G . 21.11 -21.87 -11.39
O5 RRY G . 20.71 -19.98 -13.29
C2 RRY G . 20.53 -19.02 -14.35
C1 RRY G . 19.03 -18.86 -14.46
CL1 RRY G . 18.57 -18.54 -16.10
O2 RRY G . 21.16 -17.76 -14.14
C1 RRJ G . 20.93 -17.09 -12.85
O5 RRJ G . 21.57 -17.65 -11.67
C5 RRJ G . 23.02 -17.51 -11.64
C6 RRJ G . 23.54 -18.15 -10.39
O6 RRJ G . 23.63 -19.54 -10.77
C4 RRJ G . 23.37 -16.08 -11.67
CL4 RRJ G . 22.71 -15.22 -10.16
C3 RRJ G . 22.84 -15.62 -13.00
O3 RRJ G . 23.12 -14.26 -13.17
C2 RRJ G . 21.35 -15.67 -13.00
O2 RRJ G . 20.86 -15.15 -14.25
O3 RRY H . 10.43 -15.94 10.36
C3 RRY H . 10.73 -17.35 10.44
C4 RRY H . 9.62 -18.22 9.88
O4 RRY H . 9.13 -19.06 10.94
C5 RRY H . 10.30 -19.09 8.85
C6 RRY H . 9.33 -19.36 7.72
CL6 RRY H . 10.10 -18.87 6.18
O5 RRY H . 11.43 -18.28 8.40
C2 RRY H . 11.93 -17.61 9.60
C1 RRY H . 12.72 -18.69 10.39
CL1 RRY H . 14.18 -18.09 11.23
O2 RRY H . 12.58 -16.25 9.43
C1 RRJ H . 12.67 -15.50 8.11
O5 RRJ H . 11.59 -15.51 7.10
C5 RRJ H . 10.70 -14.39 7.04
C6 RRJ H . 9.88 -14.65 5.79
O6 RRJ H . 9.20 -15.90 5.95
C4 RRJ H . 11.44 -13.05 6.99
CL4 RRJ H . 12.71 -12.58 5.58
C3 RRJ H . 12.16 -13.00 8.30
O3 RRJ H . 12.89 -11.77 8.43
C2 RRJ H . 13.21 -14.03 8.29
O2 RRJ H . 13.92 -13.83 9.47
#